data_1PCE
#
_entry.id   1PCE
#
_cell.length_a   1.000
_cell.length_b   1.000
_cell.length_c   1.000
_cell.angle_alpha   90.00
_cell.angle_beta   90.00
_cell.angle_gamma   90.00
#
_symmetry.space_group_name_H-M   'P 1'
#
_entity_poly.entity_id   1
_entity_poly.type   'polypeptide(L)'
_entity_poly.pdbx_seq_one_letter_code
;EKQVFSRMPICEHMTESPDCSRIYDPVCGTDGVTYESECKLCLARIENKQDIQIVKDGEC
;
_entity_poly.pdbx_strand_id   A
#
# COMPACT_ATOMS: atom_id res chain seq x y z
N GLU A 1 13.24 -12.34 -6.33
CA GLU A 1 12.14 -12.91 -5.55
C GLU A 1 11.25 -11.80 -4.98
N LYS A 2 11.83 -10.65 -4.58
CA LYS A 2 11.09 -9.59 -3.88
C LYS A 2 10.17 -10.19 -2.82
N GLN A 3 8.86 -10.16 -3.06
CA GLN A 3 7.82 -10.91 -2.37
C GLN A 3 7.98 -10.86 -0.86
N VAL A 4 8.69 -11.82 -0.26
CA VAL A 4 8.79 -11.91 1.17
C VAL A 4 9.40 -10.63 1.74
N PHE A 5 10.41 -10.08 1.05
CA PHE A 5 11.07 -8.86 1.48
C PHE A 5 10.24 -7.64 1.07
N SER A 6 8.98 -7.59 1.50
CA SER A 6 8.05 -6.52 1.23
C SER A 6 7.77 -5.71 2.51
N ARG A 7 6.94 -4.69 2.41
CA ARG A 7 6.37 -3.99 3.54
C ARG A 7 4.90 -4.39 3.55
N MET A 8 4.36 -4.87 4.67
CA MET A 8 2.94 -5.11 4.76
C MET A 8 2.28 -3.75 4.94
N PRO A 9 1.38 -3.33 4.05
CA PRO A 9 0.70 -2.05 4.16
C PRO A 9 -0.26 -2.12 5.34
N ILE A 10 -0.34 -1.04 6.14
CA ILE A 10 -1.23 -0.98 7.30
C ILE A 10 -2.67 -0.79 6.85
N CYS A 11 -3.56 -1.71 7.21
CA CYS A 11 -4.91 -1.85 6.70
C CYS A 11 -5.88 -1.81 7.86
N GLU A 12 -6.42 -0.64 8.15
CA GLU A 12 -7.59 -0.43 8.98
C GLU A 12 -8.04 1.02 8.80
N HIS A 13 -8.99 1.45 9.62
CA HIS A 13 -9.31 2.85 9.85
C HIS A 13 -9.25 3.02 11.36
N MET A 14 -8.16 3.59 11.91
CA MET A 14 -8.11 3.85 13.34
C MET A 14 -9.29 4.72 13.75
N THR A 15 -9.71 4.61 15.01
CA THR A 15 -10.68 5.52 15.59
C THR A 15 -10.14 6.95 15.42
N GLU A 16 -8.95 7.18 15.97
CA GLU A 16 -8.25 8.44 15.90
C GLU A 16 -7.58 8.59 14.52
N SER A 17 -8.34 8.61 13.44
CA SER A 17 -7.79 9.02 12.15
C SER A 17 -8.92 9.51 11.22
N PRO A 18 -8.92 10.78 10.81
CA PRO A 18 -9.93 11.29 9.88
C PRO A 18 -9.53 10.89 8.47
N ASP A 19 -8.91 11.82 7.72
CA ASP A 19 -8.40 11.55 6.39
C ASP A 19 -7.14 10.69 6.50
N CYS A 20 -6.68 10.12 5.38
CA CYS A 20 -5.32 9.62 5.29
C CYS A 20 -4.38 10.81 5.05
N SER A 21 -4.46 11.78 5.98
CA SER A 21 -3.98 13.16 5.97
C SER A 21 -3.22 13.59 4.72
N ARG A 22 -3.82 13.43 3.54
CA ARG A 22 -3.19 13.48 2.23
C ARG A 22 -1.70 13.18 2.30
N ILE A 23 -1.39 12.01 2.85
CA ILE A 23 -0.06 11.46 2.99
C ILE A 23 0.36 10.99 1.60
N TYR A 24 0.96 11.88 0.82
CA TYR A 24 1.45 11.52 -0.49
C TYR A 24 2.68 10.65 -0.28
N ASP A 25 2.64 9.41 -0.75
CA ASP A 25 3.71 8.46 -0.50
C ASP A 25 3.60 7.26 -1.43
N PRO A 26 4.11 7.34 -2.67
CA PRO A 26 3.90 6.29 -3.63
C PRO A 26 4.62 5.02 -3.21
N VAL A 27 4.15 3.87 -3.69
CA VAL A 27 4.78 2.58 -3.49
C VAL A 27 4.42 1.73 -4.71
N CYS A 28 5.17 0.65 -4.94
CA CYS A 28 4.86 -0.31 -5.99
C CYS A 28 4.26 -1.56 -5.36
N GLY A 29 3.05 -1.94 -5.77
CA GLY A 29 2.38 -3.10 -5.20
C GLY A 29 2.93 -4.40 -5.82
N THR A 30 2.69 -5.54 -5.17
CA THR A 30 3.00 -6.86 -5.72
C THR A 30 2.23 -7.14 -7.00
N ASP A 31 1.12 -6.46 -7.23
CA ASP A 31 0.34 -6.53 -8.46
C ASP A 31 1.11 -5.81 -9.56
N GLY A 32 2.05 -4.94 -9.19
CA GLY A 32 2.94 -4.28 -10.12
C GLY A 32 2.40 -2.94 -10.60
N VAL A 33 1.32 -2.44 -10.02
CA VAL A 33 0.86 -1.09 -10.26
C VAL A 33 1.34 -0.19 -9.11
N THR A 34 1.61 1.07 -9.44
CA THR A 34 1.94 2.06 -8.44
C THR A 34 0.67 2.46 -7.70
N TYR A 35 0.74 2.65 -6.39
CA TYR A 35 -0.28 3.30 -5.58
C TYR A 35 0.37 4.56 -4.98
N GLU A 36 -0.37 5.66 -4.91
CA GLU A 36 0.06 6.99 -4.53
C GLU A 36 0.22 7.21 -3.01
N SER A 37 -0.32 6.33 -2.18
CA SER A 37 -0.27 6.44 -0.72
C SER A 37 -0.43 5.02 -0.18
N GLU A 38 0.40 4.58 0.79
CA GLU A 38 0.32 3.27 1.38
C GLU A 38 -1.13 3.05 1.84
N CYS A 39 -1.71 4.09 2.44
CA CYS A 39 -3.10 4.06 2.83
C CYS A 39 -3.98 3.64 1.67
N LYS A 40 -3.97 4.40 0.57
CA LYS A 40 -4.76 4.09 -0.61
C LYS A 40 -4.47 2.70 -1.15
N LEU A 41 -3.21 2.24 -1.11
CA LEU A 41 -2.91 0.85 -1.48
C LEU A 41 -3.74 -0.08 -0.61
N CYS A 42 -3.65 0.05 0.71
CA CYS A 42 -4.48 -0.74 1.62
C CYS A 42 -5.96 -0.59 1.35
N LEU A 43 -6.48 0.62 1.19
CA LEU A 43 -7.87 0.87 0.86
C LEU A 43 -8.27 0.05 -0.37
N ALA A 44 -7.49 0.12 -1.45
CA ALA A 44 -7.73 -0.69 -2.63
C ALA A 44 -7.67 -2.18 -2.31
N ARG A 45 -6.68 -2.59 -1.53
CA ARG A 45 -6.50 -3.97 -1.10
C ARG A 45 -7.77 -4.46 -0.39
N ILE A 46 -8.33 -3.63 0.49
CA ILE A 46 -9.54 -3.92 1.25
C ILE A 46 -10.75 -3.96 0.31
N GLU A 47 -10.93 -2.95 -0.53
CA GLU A 47 -12.12 -2.87 -1.37
C GLU A 47 -12.16 -4.07 -2.30
N ASN A 48 -11.04 -4.34 -2.98
CA ASN A 48 -10.96 -5.43 -3.92
C ASN A 48 -10.87 -6.76 -3.19
N LYS A 49 -10.34 -6.77 -1.98
CA LYS A 49 -9.99 -7.98 -1.22
C LYS A 49 -8.87 -8.71 -1.96
N GLN A 50 -7.66 -8.17 -1.86
CA GLN A 50 -6.45 -8.74 -2.45
C GLN A 50 -5.37 -8.89 -1.38
N ASP A 51 -4.30 -9.64 -1.66
CA ASP A 51 -3.14 -9.74 -0.79
C ASP A 51 -1.97 -8.97 -1.40
N ILE A 52 -2.20 -7.69 -1.67
CA ILE A 52 -1.16 -6.82 -2.20
C ILE A 52 -0.13 -6.59 -1.09
N GLN A 53 1.15 -6.54 -1.41
CA GLN A 53 2.18 -6.07 -0.50
C GLN A 53 2.99 -4.99 -1.20
N ILE A 54 3.66 -4.14 -0.42
CA ILE A 54 4.55 -3.14 -0.97
C ILE A 54 5.83 -3.85 -1.35
N VAL A 55 6.15 -3.89 -2.64
CA VAL A 55 7.39 -4.48 -3.12
C VAL A 55 8.52 -3.53 -2.75
N LYS A 56 8.36 -2.24 -3.02
CA LYS A 56 9.27 -1.24 -2.50
C LYS A 56 8.58 0.11 -2.43
N ASP A 57 9.19 0.99 -1.64
CA ASP A 57 8.81 2.37 -1.43
C ASP A 57 9.01 3.13 -2.74
N GLY A 58 8.13 4.07 -3.04
CA GLY A 58 8.17 4.86 -4.26
C GLY A 58 7.73 4.05 -5.47
N GLU A 59 7.72 4.71 -6.62
CA GLU A 59 7.07 4.21 -7.82
C GLU A 59 7.70 2.92 -8.38
N CYS A 60 6.93 2.20 -9.20
CA CYS A 60 7.30 0.90 -9.76
C CYS A 60 8.49 1.01 -10.70
N GLU A 1 19.61 -5.37 6.47
CA GLU A 1 18.98 -6.58 5.95
C GLU A 1 17.67 -6.20 5.25
N LYS A 2 17.51 -6.52 3.97
CA LYS A 2 16.25 -6.59 3.25
C LYS A 2 16.57 -7.13 1.86
N GLN A 3 17.21 -6.30 1.04
CA GLN A 3 17.56 -6.56 -0.35
C GLN A 3 16.32 -6.69 -1.25
N VAL A 4 15.56 -7.77 -1.08
CA VAL A 4 14.29 -7.99 -1.73
C VAL A 4 13.34 -8.42 -0.62
N PHE A 5 12.26 -7.68 -0.38
CA PHE A 5 11.25 -8.07 0.59
C PHE A 5 10.11 -7.06 0.49
N SER A 6 8.89 -7.53 0.67
CA SER A 6 7.71 -6.67 0.66
C SER A 6 7.74 -5.68 1.83
N ARG A 7 6.84 -4.70 1.86
CA ARG A 7 6.61 -3.82 3.01
C ARG A 7 5.12 -3.87 3.34
N MET A 8 4.76 -3.78 4.62
CA MET A 8 3.38 -3.95 5.06
C MET A 8 2.65 -2.61 5.00
N PRO A 9 1.50 -2.51 4.30
CA PRO A 9 0.67 -1.32 4.35
C PRO A 9 -0.21 -1.36 5.59
N ILE A 10 -0.37 -0.22 6.28
CA ILE A 10 -1.34 -0.05 7.34
C ILE A 10 -2.67 0.38 6.73
N CYS A 11 -3.75 -0.11 7.31
CA CYS A 11 -5.11 0.03 6.78
C CYS A 11 -5.86 1.01 7.67
N GLU A 12 -6.43 2.05 7.05
CA GLU A 12 -7.44 2.95 7.59
C GLU A 12 -7.62 2.87 9.11
N HIS A 13 -6.83 3.60 9.89
CA HIS A 13 -6.99 3.58 11.33
C HIS A 13 -6.81 4.98 11.89
N MET A 14 -6.11 5.15 13.01
CA MET A 14 -6.09 6.43 13.69
C MET A 14 -5.36 7.50 12.89
N THR A 15 -5.56 8.75 13.31
CA THR A 15 -5.09 10.01 12.74
C THR A 15 -3.78 9.84 11.96
N GLU A 16 -3.73 10.45 10.78
CA GLU A 16 -2.78 10.25 9.72
C GLU A 16 -1.38 10.02 10.30
N SER A 17 -0.92 8.78 10.25
CA SER A 17 0.31 8.31 10.87
C SER A 17 1.20 7.62 9.82
N PRO A 18 0.77 6.51 9.20
CA PRO A 18 1.42 6.04 7.99
C PRO A 18 1.07 7.01 6.86
N ASP A 19 1.40 6.65 5.62
CA ASP A 19 1.06 7.47 4.48
C ASP A 19 -0.43 7.30 4.18
N CYS A 20 -1.29 7.88 5.02
CA CYS A 20 -2.76 7.90 4.89
C CYS A 20 -3.26 9.27 4.47
N SER A 21 -4.40 9.29 3.77
CA SER A 21 -4.91 10.46 3.09
C SER A 21 -3.89 10.91 2.04
N ARG A 22 -3.93 12.19 1.73
CA ARG A 22 -3.20 12.85 0.66
C ARG A 22 -1.72 13.04 1.00
N ILE A 23 -1.17 12.14 1.80
CA ILE A 23 0.26 11.97 1.81
C ILE A 23 0.61 11.48 0.42
N TYR A 24 1.45 12.23 -0.28
CA TYR A 24 1.92 11.86 -1.60
C TYR A 24 3.32 11.31 -1.38
N ASP A 25 3.41 10.04 -1.01
CA ASP A 25 4.66 9.33 -0.79
C ASP A 25 4.49 7.92 -1.35
N PRO A 26 4.80 7.72 -2.64
CA PRO A 26 4.33 6.55 -3.35
C PRO A 26 4.95 5.26 -2.82
N VAL A 27 4.30 4.14 -3.16
CA VAL A 27 4.76 2.79 -2.91
C VAL A 27 4.32 1.94 -4.11
N CYS A 28 5.06 0.86 -4.37
CA CYS A 28 4.85 -0.01 -5.52
C CYS A 28 4.19 -1.30 -5.06
N GLY A 29 3.06 -1.73 -5.64
CA GLY A 29 2.24 -2.83 -5.13
C GLY A 29 2.43 -4.14 -5.87
N THR A 30 2.22 -5.26 -5.19
CA THR A 30 2.34 -6.62 -5.74
C THR A 30 1.19 -6.97 -6.70
N ASP A 31 0.25 -6.05 -6.89
CA ASP A 31 -0.78 -6.13 -7.91
C ASP A 31 -0.19 -5.70 -9.26
N GLY A 32 0.86 -4.88 -9.24
CA GLY A 32 1.49 -4.33 -10.42
C GLY A 32 1.55 -2.81 -10.37
N VAL A 33 0.73 -2.17 -9.53
CA VAL A 33 0.38 -0.77 -9.66
C VAL A 33 1.21 0.09 -8.69
N THR A 34 1.53 1.33 -9.08
CA THR A 34 2.06 2.32 -8.14
C THR A 34 0.88 3.00 -7.44
N TYR A 35 0.93 3.09 -6.11
CA TYR A 35 -0.02 3.83 -5.28
C TYR A 35 0.71 5.04 -4.69
N GLU A 36 0.01 6.17 -4.48
CA GLU A 36 0.62 7.37 -3.91
C GLU A 36 0.83 7.27 -2.40
N SER A 37 0.32 6.23 -1.74
CA SER A 37 0.35 6.12 -0.28
C SER A 37 0.03 4.68 0.10
N GLU A 38 0.73 4.09 1.07
CA GLU A 38 0.47 2.73 1.50
C GLU A 38 -0.97 2.52 1.95
N CYS A 39 -1.57 3.54 2.55
CA CYS A 39 -2.95 3.50 3.02
C CYS A 39 -3.90 3.18 1.87
N LYS A 40 -3.71 3.85 0.74
CA LYS A 40 -4.48 3.60 -0.47
C LYS A 40 -4.21 2.20 -1.00
N LEU A 41 -2.97 1.71 -0.88
CA LEU A 41 -2.68 0.33 -1.24
C LEU A 41 -3.53 -0.59 -0.36
N CYS A 42 -3.55 -0.37 0.95
CA CYS A 42 -4.56 -0.92 1.86
C CYS A 42 -5.99 -0.89 1.34
N LEU A 43 -6.50 0.30 1.04
CA LEU A 43 -7.83 0.48 0.48
C LEU A 43 -8.00 -0.39 -0.79
N ALA A 44 -6.96 -0.50 -1.61
CA ALA A 44 -6.98 -1.34 -2.79
C ALA A 44 -7.08 -2.82 -2.42
N ARG A 45 -6.32 -3.31 -1.44
CA ARG A 45 -6.47 -4.68 -0.96
C ARG A 45 -7.93 -4.94 -0.63
N ILE A 46 -8.55 -4.01 0.09
CA ILE A 46 -9.91 -4.20 0.58
C ILE A 46 -10.89 -4.25 -0.59
N GLU A 47 -10.76 -3.38 -1.60
CA GLU A 47 -11.67 -3.50 -2.72
C GLU A 47 -11.39 -4.69 -3.63
N ASN A 48 -10.12 -4.97 -3.93
CA ASN A 48 -9.73 -6.12 -4.74
C ASN A 48 -9.99 -7.42 -3.99
N LYS A 49 -10.03 -7.34 -2.66
CA LYS A 49 -10.23 -8.47 -1.76
C LYS A 49 -9.10 -9.47 -2.01
N GLN A 50 -7.87 -8.95 -1.98
CA GLN A 50 -6.61 -9.68 -2.08
C GLN A 50 -5.62 -9.03 -1.12
N ASP A 51 -4.70 -9.80 -0.53
CA ASP A 51 -3.64 -9.20 0.28
C ASP A 51 -2.51 -8.76 -0.64
N ILE A 52 -2.74 -7.67 -1.38
CA ILE A 52 -1.66 -6.97 -2.06
C ILE A 52 -0.71 -6.51 -0.94
N GLN A 53 0.59 -6.48 -1.21
CA GLN A 53 1.58 -5.94 -0.30
C GLN A 53 2.38 -4.91 -1.09
N ILE A 54 3.17 -4.10 -0.42
CA ILE A 54 4.11 -3.24 -1.10
C ILE A 54 5.26 -4.15 -1.54
N VAL A 55 5.69 -4.07 -2.79
CA VAL A 55 6.92 -4.68 -3.28
C VAL A 55 8.07 -3.88 -2.68
N LYS A 56 8.02 -2.56 -2.84
CA LYS A 56 9.07 -1.65 -2.41
C LYS A 56 8.56 -0.20 -2.46
N ASP A 57 9.42 0.71 -2.01
CA ASP A 57 9.20 2.14 -1.91
C ASP A 57 8.88 2.79 -3.25
N GLY A 58 8.14 3.89 -3.25
CA GLY A 58 8.13 4.82 -4.36
C GLY A 58 7.40 4.24 -5.57
N GLU A 59 7.47 4.98 -6.68
CA GLU A 59 6.94 4.57 -7.97
C GLU A 59 7.71 3.34 -8.45
N CYS A 60 7.02 2.46 -9.17
CA CYS A 60 7.47 1.09 -9.38
C CYS A 60 8.73 1.04 -10.22
N GLU A 1 7.41 -15.72 0.51
CA GLU A 1 6.67 -14.49 0.24
C GLU A 1 6.34 -14.49 -1.25
N LYS A 2 5.64 -13.46 -1.71
CA LYS A 2 5.44 -13.22 -3.12
C LYS A 2 6.76 -12.68 -3.69
N GLN A 3 6.84 -11.38 -3.92
CA GLN A 3 7.96 -10.80 -4.66
C GLN A 3 9.20 -10.61 -3.79
N VAL A 4 9.05 -10.58 -2.47
CA VAL A 4 10.03 -10.13 -1.49
C VAL A 4 10.30 -8.63 -1.64
N PHE A 5 10.81 -8.03 -0.57
CA PHE A 5 10.81 -6.59 -0.31
C PHE A 5 9.39 -6.08 -0.13
N SER A 6 8.41 -6.99 -0.16
CA SER A 6 7.06 -6.80 0.29
C SER A 6 7.09 -6.45 1.79
N ARG A 7 6.11 -5.68 2.24
CA ARG A 7 5.95 -5.25 3.62
C ARG A 7 4.43 -5.16 3.81
N MET A 8 3.95 -5.48 5.00
CA MET A 8 2.53 -5.62 5.29
C MET A 8 2.02 -4.24 5.70
N PRO A 9 1.09 -3.64 4.96
CA PRO A 9 0.62 -2.31 5.25
C PRO A 9 -0.28 -2.34 6.50
N ILE A 10 -0.02 -1.43 7.44
CA ILE A 10 -1.01 -1.04 8.42
C ILE A 10 -2.01 -0.20 7.65
N CYS A 11 -3.30 -0.39 7.96
CA CYS A 11 -4.41 0.20 7.25
C CYS A 11 -5.35 0.78 8.30
N GLU A 12 -6.41 1.46 7.85
CA GLU A 12 -7.31 2.22 8.70
C GLU A 12 -8.18 1.31 9.57
N HIS A 13 -7.59 0.62 10.53
CA HIS A 13 -8.32 -0.19 11.49
C HIS A 13 -9.19 0.76 12.32
N MET A 14 -8.61 1.86 12.77
CA MET A 14 -9.39 3.02 13.15
C MET A 14 -9.86 3.59 11.82
N THR A 15 -11.09 3.26 11.41
CA THR A 15 -11.67 3.86 10.23
C THR A 15 -11.94 5.34 10.53
N GLU A 16 -12.34 5.66 11.76
CA GLU A 16 -12.42 7.03 12.24
C GLU A 16 -11.00 7.53 12.56
N SER A 17 -10.23 7.70 11.49
CA SER A 17 -8.91 8.29 11.40
C SER A 17 -8.70 8.48 9.89
N PRO A 18 -9.13 9.60 9.30
CA PRO A 18 -8.90 9.82 7.88
C PRO A 18 -7.39 9.89 7.67
N ASP A 19 -6.82 8.84 7.06
CA ASP A 19 -5.39 8.63 6.89
C ASP A 19 -4.99 8.37 5.45
N CYS A 20 -5.87 8.73 4.52
CA CYS A 20 -5.52 8.98 3.12
C CYS A 20 -5.07 10.43 3.08
N SER A 21 -3.93 10.69 3.71
CA SER A 21 -3.30 11.98 3.75
C SER A 21 -2.94 12.42 2.33
N ARG A 22 -2.64 13.71 2.15
CA ARG A 22 -2.09 14.25 0.93
C ARG A 22 -0.56 14.36 1.02
N ILE A 23 0.05 13.47 1.80
CA ILE A 23 1.48 13.23 1.79
C ILE A 23 1.79 12.52 0.49
N TYR A 24 2.92 12.82 -0.12
CA TYR A 24 3.47 12.06 -1.22
C TYR A 24 4.43 11.05 -0.60
N ASP A 25 4.04 9.79 -0.51
CA ASP A 25 4.91 8.69 -0.12
C ASP A 25 4.57 7.52 -1.04
N PRO A 26 5.04 7.58 -2.28
CA PRO A 26 4.63 6.64 -3.30
C PRO A 26 5.17 5.25 -2.97
N VAL A 27 4.48 4.22 -3.45
CA VAL A 27 4.83 2.83 -3.28
C VAL A 27 4.30 2.03 -4.47
N CYS A 28 4.94 0.90 -4.80
CA CYS A 28 4.39 -0.05 -5.76
C CYS A 28 3.75 -1.23 -5.05
N GLY A 29 2.47 -1.50 -5.33
CA GLY A 29 1.78 -2.65 -4.79
C GLY A 29 2.26 -3.94 -5.44
N THR A 30 1.96 -5.08 -4.82
CA THR A 30 2.24 -6.38 -5.40
C THR A 30 1.47 -6.60 -6.71
N ASP A 31 0.39 -5.86 -6.94
CA ASP A 31 -0.32 -5.89 -8.22
C ASP A 31 0.48 -5.17 -9.31
N GLY A 32 1.53 -4.44 -8.95
CA GLY A 32 2.38 -3.73 -9.90
C GLY A 32 1.97 -2.27 -10.05
N VAL A 33 0.87 -1.85 -9.42
CA VAL A 33 0.35 -0.50 -9.58
C VAL A 33 1.06 0.43 -8.61
N THR A 34 1.31 1.67 -9.03
CA THR A 34 1.80 2.73 -8.17
C THR A 34 0.65 3.29 -7.34
N TYR A 35 0.90 3.62 -6.07
CA TYR A 35 0.00 4.35 -5.22
C TYR A 35 0.81 5.47 -4.59
N GLU A 36 0.35 6.71 -4.64
CA GLU A 36 1.06 7.88 -4.14
C GLU A 36 1.09 7.92 -2.60
N SER A 37 0.19 7.17 -1.97
CA SER A 37 0.00 7.13 -0.53
C SER A 37 -0.56 5.74 -0.21
N GLU A 38 0.04 5.01 0.73
CA GLU A 38 -0.26 3.60 0.91
C GLU A 38 -1.71 3.37 1.34
N CYS A 39 -2.38 4.37 1.92
CA CYS A 39 -3.80 4.30 2.18
C CYS A 39 -4.58 3.82 0.94
N LYS A 40 -4.21 4.31 -0.24
CA LYS A 40 -4.82 3.84 -1.48
C LYS A 40 -4.52 2.36 -1.74
N LEU A 41 -3.33 1.88 -1.38
CA LEU A 41 -2.99 0.47 -1.50
C LEU A 41 -3.88 -0.33 -0.55
N CYS A 42 -3.97 0.11 0.69
CA CYS A 42 -4.84 -0.48 1.71
C CYS A 42 -6.26 -0.57 1.17
N LEU A 43 -6.78 0.54 0.65
CA LEU A 43 -8.05 0.61 -0.05
C LEU A 43 -8.10 -0.52 -1.09
N ALA A 44 -7.16 -0.56 -2.02
CA ALA A 44 -7.08 -1.62 -3.02
C ALA A 44 -7.08 -3.01 -2.37
N ARG A 45 -6.42 -3.19 -1.23
CA ARG A 45 -6.37 -4.43 -0.47
C ARG A 45 -7.77 -4.84 -0.04
N ILE A 46 -8.62 -3.86 0.33
CA ILE A 46 -10.02 -4.13 0.57
C ILE A 46 -10.68 -4.47 -0.76
N GLU A 47 -10.71 -3.56 -1.72
CA GLU A 47 -11.52 -3.71 -2.91
C GLU A 47 -11.20 -5.03 -3.62
N ASN A 48 -9.92 -5.33 -3.76
CA ASN A 48 -9.46 -6.54 -4.42
C ASN A 48 -9.65 -7.76 -3.54
N LYS A 49 -9.71 -7.59 -2.23
CA LYS A 49 -9.71 -8.68 -1.28
C LYS A 49 -8.49 -9.59 -1.51
N GLN A 50 -7.31 -8.99 -1.74
CA GLN A 50 -6.08 -9.71 -2.00
C GLN A 50 -5.05 -9.43 -0.91
N ASP A 51 -4.05 -10.32 -0.79
CA ASP A 51 -2.92 -10.09 0.10
C ASP A 51 -1.95 -9.17 -0.61
N ILE A 52 -2.32 -7.90 -0.71
CA ILE A 52 -1.45 -6.93 -1.34
C ILE A 52 -0.32 -6.59 -0.36
N GLN A 53 0.89 -6.34 -0.84
CA GLN A 53 1.96 -5.72 -0.04
C GLN A 53 2.69 -4.69 -0.91
N ILE A 54 3.52 -3.87 -0.28
CA ILE A 54 4.31 -2.83 -0.94
C ILE A 54 5.64 -3.45 -1.34
N VAL A 55 5.87 -3.69 -2.63
CA VAL A 55 7.06 -4.39 -3.10
C VAL A 55 8.29 -3.49 -2.97
N LYS A 56 8.11 -2.19 -3.21
CA LYS A 56 9.15 -1.21 -2.93
C LYS A 56 8.47 0.13 -2.70
N ASP A 57 9.24 1.03 -2.11
CA ASP A 57 8.92 2.43 -2.13
C ASP A 57 8.90 2.89 -3.58
N GLY A 58 8.19 3.97 -3.83
CA GLY A 58 8.19 4.64 -5.10
C GLY A 58 7.44 3.88 -6.19
N GLU A 59 7.43 4.49 -7.37
CA GLU A 59 6.75 3.97 -8.54
C GLU A 59 7.36 2.64 -8.95
N CYS A 60 6.60 1.83 -9.69
CA CYS A 60 6.96 0.45 -9.93
C CYS A 60 8.19 0.28 -10.80
N GLU A 1 18.77 -3.00 -5.34
CA GLU A 1 17.72 -3.80 -4.72
C GLU A 1 18.04 -4.07 -3.24
N LYS A 2 19.22 -4.61 -2.93
CA LYS A 2 19.51 -5.24 -1.64
C LYS A 2 18.36 -6.17 -1.20
N GLN A 3 18.17 -6.37 0.09
CA GLN A 3 16.99 -7.04 0.61
C GLN A 3 15.78 -6.12 0.41
N VAL A 4 15.22 -6.09 -0.80
CA VAL A 4 13.89 -5.57 -1.08
C VAL A 4 12.99 -6.78 -1.26
N PHE A 5 12.16 -7.08 -0.26
CA PHE A 5 11.11 -8.08 -0.34
C PHE A 5 9.88 -7.46 0.27
N SER A 6 8.69 -7.86 -0.14
CA SER A 6 7.51 -7.08 0.15
C SER A 6 7.30 -6.95 1.67
N ARG A 7 6.87 -5.77 2.10
CA ARG A 7 6.65 -5.43 3.50
C ARG A 7 5.14 -5.38 3.68
N MET A 8 4.59 -6.33 4.44
CA MET A 8 3.18 -6.35 4.77
C MET A 8 2.78 -4.99 5.35
N PRO A 9 1.92 -4.21 4.67
CA PRO A 9 1.72 -2.84 5.04
C PRO A 9 1.12 -2.77 6.43
N ILE A 10 1.57 -1.80 7.22
CA ILE A 10 1.14 -1.64 8.60
C ILE A 10 -0.09 -0.74 8.52
N CYS A 11 -1.25 -1.37 8.45
CA CYS A 11 -2.52 -0.72 8.19
C CYS A 11 -3.58 -1.47 8.97
N GLU A 12 -3.55 -1.25 10.28
CA GLU A 12 -4.30 -1.96 11.29
C GLU A 12 -4.77 -0.98 12.37
N HIS A 13 -3.90 -0.08 12.83
CA HIS A 13 -4.28 1.03 13.70
C HIS A 13 -3.57 2.28 13.19
N MET A 14 -4.02 3.48 13.55
CA MET A 14 -3.34 4.69 13.13
C MET A 14 -2.05 4.90 13.93
N THR A 15 -1.14 3.92 13.95
CA THR A 15 0.20 4.13 14.43
C THR A 15 0.89 4.99 13.37
N GLU A 16 0.78 4.59 12.09
CA GLU A 16 1.15 5.40 10.94
C GLU A 16 0.74 6.86 11.16
N SER A 17 -0.51 7.06 11.55
CA SER A 17 -1.22 8.33 11.70
C SER A 17 -1.94 8.62 10.37
N PRO A 18 -3.12 9.26 10.38
CA PRO A 18 -4.00 9.26 9.23
C PRO A 18 -3.42 10.09 8.09
N ASP A 19 -3.16 9.45 6.94
CA ASP A 19 -2.58 10.10 5.76
C ASP A 19 -3.27 9.69 4.47
N CYS A 20 -4.53 9.28 4.54
CA CYS A 20 -5.39 9.17 3.37
C CYS A 20 -5.88 10.58 3.04
N SER A 21 -4.96 11.42 2.59
CA SER A 21 -5.16 12.80 2.19
C SER A 21 -5.04 12.84 0.67
N ARG A 22 -4.71 14.01 0.12
CA ARG A 22 -4.19 14.25 -1.20
C ARG A 22 -2.65 14.36 -1.19
N ILE A 23 -1.94 13.70 -0.27
CA ILE A 23 -0.49 13.73 -0.28
C ILE A 23 -0.02 12.82 -1.42
N TYR A 24 0.99 13.25 -2.15
CA TYR A 24 1.58 12.47 -3.21
C TYR A 24 2.71 11.67 -2.56
N ASP A 25 2.50 10.40 -2.22
CA ASP A 25 3.56 9.58 -1.65
C ASP A 25 3.52 8.14 -2.20
N PRO A 26 3.83 7.95 -3.48
CA PRO A 26 3.57 6.67 -4.11
C PRO A 26 4.34 5.51 -3.49
N VAL A 27 3.75 4.32 -3.55
CA VAL A 27 4.35 3.06 -3.11
C VAL A 27 3.99 1.98 -4.14
N CYS A 28 4.85 1.00 -4.34
CA CYS A 28 4.71 0.00 -5.39
C CYS A 28 3.97 -1.23 -4.88
N GLY A 29 2.80 -1.53 -5.43
CA GLY A 29 2.04 -2.71 -5.09
C GLY A 29 2.62 -3.98 -5.73
N THR A 30 2.49 -5.11 -5.06
CA THR A 30 2.90 -6.41 -5.59
C THR A 30 2.10 -6.80 -6.84
N ASP A 31 0.97 -6.15 -7.08
CA ASP A 31 0.13 -6.35 -8.25
C ASP A 31 0.80 -5.76 -9.49
N GLY A 32 1.84 -4.95 -9.30
CA GLY A 32 2.60 -4.32 -10.36
C GLY A 32 2.05 -2.94 -10.66
N VAL A 33 1.30 -2.34 -9.73
CA VAL A 33 0.74 -1.02 -9.86
C VAL A 33 1.26 -0.15 -8.72
N THR A 34 1.68 1.08 -9.02
CA THR A 34 1.99 2.04 -7.99
C THR A 34 0.68 2.66 -7.47
N TYR A 35 0.52 2.72 -6.15
CA TYR A 35 -0.55 3.44 -5.47
C TYR A 35 0.03 4.72 -4.92
N GLU A 36 -0.81 5.71 -4.63
CA GLU A 36 -0.43 7.07 -4.26
C GLU A 36 0.06 7.19 -2.82
N SER A 37 -0.10 6.13 -2.02
CA SER A 37 0.20 6.08 -0.60
C SER A 37 -0.03 4.66 -0.12
N GLU A 38 0.66 4.22 0.93
CA GLU A 38 0.35 2.99 1.63
C GLU A 38 -1.13 3.01 2.04
N CYS A 39 -1.63 4.13 2.55
CA CYS A 39 -3.02 4.23 3.00
C CYS A 39 -4.00 3.84 1.88
N LYS A 40 -3.84 4.44 0.70
CA LYS A 40 -4.69 4.11 -0.43
C LYS A 40 -4.41 2.72 -1.01
N LEU A 41 -3.20 2.18 -0.86
CA LEU A 41 -2.92 0.80 -1.22
C LEU A 41 -3.75 -0.12 -0.32
N CYS A 42 -3.68 0.13 0.98
CA CYS A 42 -4.37 -0.62 2.03
C CYS A 42 -5.88 -0.48 1.89
N LEU A 43 -6.36 0.65 1.39
CA LEU A 43 -7.72 0.74 0.88
C LEU A 43 -7.88 -0.23 -0.29
N ALA A 44 -7.12 -0.06 -1.37
CA ALA A 44 -7.32 -0.81 -2.61
C ALA A 44 -7.35 -2.31 -2.40
N ARG A 45 -6.44 -2.85 -1.57
CA ARG A 45 -6.42 -4.27 -1.24
C ARG A 45 -7.78 -4.73 -0.67
N ILE A 46 -8.45 -3.91 0.13
CA ILE A 46 -9.79 -4.21 0.62
C ILE A 46 -10.73 -4.28 -0.58
N GLU A 47 -10.84 -3.21 -1.37
CA GLU A 47 -11.78 -3.14 -2.49
C GLU A 47 -11.59 -4.34 -3.42
N ASN A 48 -10.33 -4.62 -3.73
CA ASN A 48 -9.92 -5.71 -4.62
C ASN A 48 -10.13 -7.07 -3.97
N LYS A 49 -10.24 -7.12 -2.65
CA LYS A 49 -10.21 -8.35 -1.87
C LYS A 49 -8.98 -9.18 -2.25
N GLN A 50 -7.83 -8.53 -2.44
CA GLN A 50 -6.55 -9.18 -2.61
C GLN A 50 -5.57 -8.43 -1.74
N ASP A 51 -4.76 -9.16 -0.96
CA ASP A 51 -3.80 -8.57 -0.04
C ASP A 51 -2.63 -8.03 -0.83
N ILE A 52 -2.83 -6.92 -1.54
CA ILE A 52 -1.76 -6.25 -2.26
C ILE A 52 -0.77 -5.79 -1.20
N GLN A 53 0.51 -6.13 -1.39
CA GLN A 53 1.57 -5.77 -0.47
C GLN A 53 2.36 -4.64 -1.10
N ILE A 54 3.04 -3.84 -0.27
CA ILE A 54 4.07 -2.95 -0.76
C ILE A 54 5.27 -3.83 -1.07
N VAL A 55 5.78 -3.78 -2.31
CA VAL A 55 7.10 -4.31 -2.62
C VAL A 55 8.11 -3.35 -1.99
N LYS A 56 7.94 -2.08 -2.29
CA LYS A 56 8.93 -1.06 -2.04
C LYS A 56 8.19 0.29 -2.05
N ASP A 57 8.76 1.27 -1.36
CA ASP A 57 8.20 2.61 -1.34
C ASP A 57 8.63 3.29 -2.63
N GLY A 58 7.89 4.31 -3.04
CA GLY A 58 8.12 5.00 -4.30
C GLY A 58 7.62 4.15 -5.47
N GLU A 59 7.73 4.68 -6.68
CA GLU A 59 7.31 3.98 -7.89
C GLU A 59 8.09 2.68 -8.06
N CYS A 60 7.53 1.74 -8.83
CA CYS A 60 7.98 0.36 -8.86
C CYS A 60 9.35 0.26 -9.49
N GLU A 1 19.94 -16.73 -6.49
CA GLU A 1 19.30 -16.60 -5.19
C GLU A 1 19.48 -15.16 -4.68
N LYS A 2 18.42 -14.58 -4.12
CA LYS A 2 18.46 -13.43 -3.22
C LYS A 2 17.69 -13.90 -1.98
N GLN A 3 16.69 -13.14 -1.54
CA GLN A 3 15.74 -13.56 -0.53
C GLN A 3 14.40 -12.95 -0.94
N VAL A 4 14.44 -11.64 -1.22
CA VAL A 4 13.31 -10.81 -1.59
C VAL A 4 12.38 -10.68 -0.38
N PHE A 5 11.50 -9.69 -0.38
CA PHE A 5 10.45 -9.62 0.62
C PHE A 5 9.33 -8.73 0.09
N SER A 6 8.14 -8.94 0.62
CA SER A 6 7.00 -8.05 0.47
C SER A 6 6.75 -7.38 1.82
N ARG A 7 5.84 -6.43 1.89
CA ARG A 7 5.49 -5.71 3.12
C ARG A 7 3.97 -5.64 3.21
N MET A 8 3.36 -6.28 4.21
CA MET A 8 1.95 -6.02 4.47
C MET A 8 1.81 -4.56 4.86
N PRO A 9 0.96 -3.77 4.20
CA PRO A 9 0.66 -2.44 4.67
C PRO A 9 -0.17 -2.57 5.94
N ILE A 10 0.36 -2.08 7.04
CA ILE A 10 -0.22 -2.31 8.37
C ILE A 10 -1.19 -1.16 8.65
N CYS A 11 -2.34 -1.16 7.97
CA CYS A 11 -3.41 -0.24 8.34
C CYS A 11 -4.03 -0.78 9.62
N GLU A 12 -3.33 -0.53 10.71
CA GLU A 12 -3.69 -0.66 12.09
C GLU A 12 -3.97 0.78 12.52
N HIS A 13 -3.05 1.43 13.23
CA HIS A 13 -3.17 2.84 13.51
C HIS A 13 -3.15 3.63 12.22
N MET A 14 -2.11 3.41 11.40
CA MET A 14 -1.63 4.29 10.34
C MET A 14 -2.61 5.41 9.97
N THR A 15 -3.60 5.07 9.15
CA THR A 15 -4.41 6.00 8.42
C THR A 15 -5.80 5.39 8.21
N GLU A 16 -6.82 6.26 8.16
CA GLU A 16 -8.22 5.90 8.16
C GLU A 16 -8.68 5.45 6.75
N SER A 17 -9.70 6.12 6.19
CA SER A 17 -10.39 5.67 4.99
C SER A 17 -10.61 6.70 3.86
N PRO A 18 -10.46 8.03 4.01
CA PRO A 18 -10.58 8.93 2.86
C PRO A 18 -9.24 8.94 2.11
N ASP A 19 -8.94 9.99 1.34
CA ASP A 19 -7.57 10.29 0.98
C ASP A 19 -6.88 10.71 2.27
N CYS A 20 -6.39 9.71 3.01
CA CYS A 20 -6.12 9.83 4.44
C CYS A 20 -5.10 10.90 4.71
N SER A 21 -4.19 11.13 3.77
CA SER A 21 -3.47 12.37 3.69
C SER A 21 -3.24 12.65 2.22
N ARG A 22 -3.24 13.92 1.81
CA ARG A 22 -2.98 14.30 0.44
C ARG A 22 -1.49 14.37 0.12
N ILE A 23 -0.66 13.68 0.91
CA ILE A 23 0.77 13.64 0.68
C ILE A 23 1.00 12.82 -0.58
N TYR A 24 1.95 13.24 -1.41
CA TYR A 24 2.43 12.50 -2.55
C TYR A 24 3.63 11.69 -2.06
N ASP A 25 3.38 10.47 -1.59
CA ASP A 25 4.36 9.54 -1.02
C ASP A 25 4.01 8.16 -1.57
N PRO A 26 4.29 7.92 -2.86
CA PRO A 26 3.80 6.77 -3.57
C PRO A 26 4.60 5.52 -3.23
N VAL A 27 4.01 4.36 -3.51
CA VAL A 27 4.59 3.06 -3.20
C VAL A 27 4.21 2.08 -4.31
N CYS A 28 5.06 1.08 -4.54
CA CYS A 28 4.85 0.07 -5.57
C CYS A 28 4.21 -1.17 -4.98
N GLY A 29 2.98 -1.50 -5.37
CA GLY A 29 2.31 -2.70 -4.89
C GLY A 29 2.80 -3.95 -5.61
N THR A 30 2.52 -5.16 -5.08
CA THR A 30 2.75 -6.41 -5.80
C THR A 30 1.73 -6.57 -6.95
N ASP A 31 0.74 -5.69 -7.04
CA ASP A 31 -0.10 -5.55 -8.22
C ASP A 31 0.74 -4.91 -9.33
N GLY A 32 1.91 -4.37 -8.98
CA GLY A 32 2.88 -3.84 -9.90
C GLY A 32 2.51 -2.43 -10.30
N VAL A 33 1.62 -1.76 -9.56
CA VAL A 33 1.23 -0.40 -9.84
C VAL A 33 1.84 0.52 -8.78
N THR A 34 2.40 1.64 -9.23
CA THR A 34 2.75 2.74 -8.35
C THR A 34 1.43 3.37 -7.90
N TYR A 35 1.05 3.23 -6.62
CA TYR A 35 -0.10 3.94 -6.07
C TYR A 35 0.39 5.15 -5.30
N GLU A 36 -0.53 6.08 -5.05
CA GLU A 36 -0.27 7.36 -4.42
C GLU A 36 0.29 7.28 -3.00
N SER A 37 -0.20 6.34 -2.19
CA SER A 37 0.12 6.33 -0.76
C SER A 37 -0.42 5.06 -0.11
N GLU A 38 0.19 4.67 1.02
CA GLU A 38 -0.12 3.41 1.68
C GLU A 38 -1.59 3.34 2.07
N CYS A 39 -2.18 4.42 2.55
CA CYS A 39 -3.62 4.52 2.81
C CYS A 39 -4.43 4.02 1.62
N LYS A 40 -4.20 4.62 0.46
CA LYS A 40 -4.97 4.31 -0.74
C LYS A 40 -4.64 2.90 -1.22
N LEU A 41 -3.42 2.43 -0.96
CA LEU A 41 -3.06 1.05 -1.22
C LEU A 41 -3.91 0.11 -0.34
N CYS A 42 -3.90 0.31 0.97
CA CYS A 42 -4.73 -0.41 1.96
C CYS A 42 -6.16 -0.48 1.44
N LEU A 43 -6.74 0.70 1.17
CA LEU A 43 -8.07 0.86 0.62
C LEU A 43 -8.28 -0.10 -0.55
N ALA A 44 -7.37 -0.11 -1.52
CA ALA A 44 -7.48 -1.01 -2.65
C ALA A 44 -7.51 -2.47 -2.16
N ARG A 45 -6.63 -2.91 -1.27
CA ARG A 45 -6.75 -4.26 -0.70
C ARG A 45 -8.14 -4.54 -0.10
N ILE A 46 -8.86 -3.53 0.41
CA ILE A 46 -10.21 -3.78 0.94
C ILE A 46 -11.17 -4.15 -0.17
N GLU A 47 -11.20 -3.38 -1.25
CA GLU A 47 -11.94 -3.75 -2.44
C GLU A 47 -11.47 -5.14 -2.86
N ASN A 48 -10.17 -5.23 -3.11
CA ASN A 48 -9.56 -6.28 -3.89
C ASN A 48 -9.64 -7.59 -3.14
N LYS A 49 -9.69 -7.52 -1.80
CA LYS A 49 -9.68 -8.71 -0.96
C LYS A 49 -8.45 -9.58 -1.29
N GLN A 50 -7.28 -8.96 -1.45
CA GLN A 50 -6.05 -9.69 -1.72
C GLN A 50 -4.94 -9.09 -0.86
N ASP A 51 -4.02 -9.93 -0.38
CA ASP A 51 -2.83 -9.53 0.38
C ASP A 51 -1.79 -8.99 -0.60
N ILE A 52 -2.16 -7.93 -1.32
CA ILE A 52 -1.27 -7.25 -2.25
C ILE A 52 -0.39 -6.37 -1.40
N GLN A 53 0.90 -6.66 -1.36
CA GLN A 53 1.80 -6.00 -0.43
C GLN A 53 2.58 -4.92 -1.16
N ILE A 54 3.34 -4.13 -0.41
CA ILE A 54 4.26 -3.18 -1.01
C ILE A 54 5.57 -3.92 -1.28
N VAL A 55 6.05 -3.80 -2.52
CA VAL A 55 7.32 -4.30 -2.97
C VAL A 55 8.40 -3.39 -2.39
N LYS A 56 8.22 -2.09 -2.61
CA LYS A 56 9.18 -1.05 -2.28
C LYS A 56 8.42 0.27 -2.34
N ASP A 57 9.03 1.31 -1.79
CA ASP A 57 8.45 2.64 -1.85
C ASP A 57 8.81 3.27 -3.19
N GLY A 58 8.04 4.26 -3.60
CA GLY A 58 8.23 4.98 -4.84
C GLY A 58 7.80 4.15 -6.04
N GLU A 59 8.22 4.60 -7.22
CA GLU A 59 7.73 4.11 -8.51
C GLU A 59 8.16 2.66 -8.71
N CYS A 60 7.27 1.85 -9.29
CA CYS A 60 7.53 0.45 -9.58
C CYS A 60 8.65 0.36 -10.60
N GLU A 1 19.46 -8.32 5.68
CA GLU A 1 20.07 -7.92 4.41
C GLU A 1 19.01 -7.70 3.32
N LYS A 2 19.24 -8.26 2.13
CA LYS A 2 18.37 -8.17 0.98
C LYS A 2 17.12 -9.03 1.20
N GLN A 3 16.12 -8.50 1.89
CA GLN A 3 14.82 -9.14 1.95
C GLN A 3 14.34 -9.43 0.51
N VAL A 4 13.84 -10.64 0.28
CA VAL A 4 13.15 -10.97 -0.95
C VAL A 4 11.68 -10.58 -0.83
N PHE A 5 11.17 -10.57 0.40
CA PHE A 5 9.76 -10.42 0.68
C PHE A 5 9.29 -8.99 0.38
N SER A 6 8.01 -8.74 0.65
CA SER A 6 7.35 -7.47 0.55
C SER A 6 7.06 -6.98 1.98
N ARG A 7 6.85 -5.68 2.17
CA ARG A 7 6.53 -5.13 3.48
C ARG A 7 5.02 -5.17 3.64
N MET A 8 4.55 -5.74 4.75
CA MET A 8 3.14 -5.71 5.12
C MET A 8 2.80 -4.28 5.54
N PRO A 9 1.88 -3.60 4.86
CA PRO A 9 1.44 -2.28 5.29
C PRO A 9 0.48 -2.46 6.47
N ILE A 10 0.77 -1.81 7.58
CA ILE A 10 -0.02 -1.96 8.79
C ILE A 10 -1.32 -1.18 8.58
N CYS A 11 -2.34 -1.89 8.07
CA CYS A 11 -3.60 -1.35 7.59
C CYS A 11 -4.68 -2.38 7.91
N GLU A 12 -5.22 -2.29 9.12
CA GLU A 12 -5.90 -3.38 9.77
C GLU A 12 -7.43 -3.33 9.69
N HIS A 13 -8.04 -2.15 9.75
CA HIS A 13 -9.49 -2.02 9.81
C HIS A 13 -9.94 -0.76 9.06
N MET A 14 -11.16 -0.75 8.55
CA MET A 14 -11.78 0.38 7.88
C MET A 14 -12.10 1.45 8.93
N THR A 15 -11.09 2.17 9.37
CA THR A 15 -11.18 3.08 10.51
C THR A 15 -9.92 3.96 10.47
N GLU A 16 -9.57 4.58 11.59
CA GLU A 16 -8.37 5.38 11.80
C GLU A 16 -7.14 4.46 11.93
N SER A 17 -7.04 3.43 11.10
CA SER A 17 -5.93 2.48 11.12
C SER A 17 -4.87 2.98 10.14
N PRO A 18 -5.07 2.93 8.82
CA PRO A 18 -4.30 3.75 7.91
C PRO A 18 -4.79 5.19 7.99
N ASP A 19 -4.12 6.10 7.29
CA ASP A 19 -4.45 7.52 7.22
C ASP A 19 -4.37 7.99 5.77
N CYS A 20 -5.47 8.47 5.21
CA CYS A 20 -5.53 8.97 3.84
C CYS A 20 -5.45 10.51 3.78
N SER A 21 -4.66 11.14 4.64
CA SER A 21 -4.20 12.51 4.43
C SER A 21 -3.59 12.67 3.02
N ARG A 22 -3.42 13.89 2.52
CA ARG A 22 -3.00 14.14 1.14
C ARG A 22 -1.50 13.93 0.95
N ILE A 23 -0.89 13.06 1.75
CA ILE A 23 0.50 12.69 1.63
C ILE A 23 0.68 11.96 0.30
N TYR A 24 1.14 12.67 -0.73
CA TYR A 24 1.65 12.02 -1.93
C TYR A 24 2.96 11.37 -1.51
N ASP A 25 2.97 10.06 -1.35
CA ASP A 25 4.12 9.28 -0.92
C ASP A 25 4.02 7.91 -1.59
N PRO A 26 4.28 7.81 -2.89
CA PRO A 26 3.89 6.65 -3.64
C PRO A 26 4.71 5.42 -3.26
N VAL A 27 4.07 4.27 -3.36
CA VAL A 27 4.67 2.98 -3.07
C VAL A 27 4.21 1.99 -4.13
N CYS A 28 4.93 0.88 -4.28
CA CYS A 28 4.72 -0.09 -5.35
C CYS A 28 4.03 -1.34 -4.82
N GLY A 29 2.79 -1.59 -5.22
CA GLY A 29 2.02 -2.77 -4.84
C GLY A 29 2.56 -4.03 -5.51
N THR A 30 2.45 -5.17 -4.86
CA THR A 30 2.89 -6.46 -5.39
C THR A 30 2.11 -6.92 -6.62
N ASP A 31 0.95 -6.32 -6.87
CA ASP A 31 0.23 -6.58 -8.10
C ASP A 31 0.96 -5.89 -9.27
N GLY A 32 1.74 -4.84 -8.99
CA GLY A 32 2.40 -4.02 -10.00
C GLY A 32 1.89 -2.58 -10.06
N VAL A 33 0.83 -2.21 -9.34
CA VAL A 33 0.30 -0.85 -9.38
C VAL A 33 1.17 0.04 -8.49
N THR A 34 1.62 1.17 -9.02
CA THR A 34 2.05 2.27 -8.16
C THR A 34 0.79 2.86 -7.53
N TYR A 35 0.78 3.04 -6.21
CA TYR A 35 -0.26 3.74 -5.48
C TYR A 35 0.29 5.07 -4.99
N GLU A 36 -0.58 6.07 -4.85
CA GLU A 36 -0.20 7.42 -4.41
C GLU A 36 0.28 7.42 -2.95
N SER A 37 -0.29 6.54 -2.11
CA SER A 37 0.03 6.45 -0.70
C SER A 37 -0.22 5.01 -0.25
N GLU A 38 0.46 4.55 0.82
CA GLU A 38 0.22 3.28 1.45
C GLU A 38 -1.27 3.15 1.73
N CYS A 39 -1.91 4.18 2.28
CA CYS A 39 -3.34 4.17 2.58
C CYS A 39 -4.19 3.69 1.40
N LYS A 40 -3.84 4.14 0.19
CA LYS A 40 -4.58 3.87 -1.03
C LYS A 40 -4.27 2.47 -1.60
N LEU A 41 -3.03 2.02 -1.49
CA LEU A 41 -2.73 0.61 -1.68
C LEU A 41 -3.63 -0.19 -0.74
N CYS A 42 -3.71 0.27 0.50
CA CYS A 42 -4.43 -0.39 1.56
C CYS A 42 -5.93 -0.39 1.33
N LEU A 43 -6.47 0.70 0.81
CA LEU A 43 -7.80 0.75 0.24
C LEU A 43 -7.90 -0.36 -0.82
N ALA A 44 -7.04 -0.36 -1.83
CA ALA A 44 -7.18 -1.26 -2.97
C ALA A 44 -7.26 -2.71 -2.54
N ARG A 45 -6.41 -3.13 -1.61
CA ARG A 45 -6.46 -4.50 -1.08
C ARG A 45 -7.78 -4.80 -0.38
N ILE A 46 -8.41 -3.81 0.26
CA ILE A 46 -9.74 -3.98 0.81
C ILE A 46 -10.76 -4.09 -0.33
N GLU A 47 -10.82 -3.09 -1.24
CA GLU A 47 -11.79 -3.07 -2.32
C GLU A 47 -11.74 -4.39 -3.11
N ASN A 48 -10.55 -4.75 -3.57
CA ASN A 48 -10.33 -5.91 -4.43
C ASN A 48 -10.30 -7.21 -3.64
N LYS A 49 -10.16 -7.13 -2.30
CA LYS A 49 -9.89 -8.26 -1.43
C LYS A 49 -8.61 -9.04 -1.79
N GLN A 50 -7.79 -8.58 -2.73
CA GLN A 50 -6.50 -9.19 -2.97
C GLN A 50 -5.55 -8.59 -1.95
N ASP A 51 -4.78 -9.41 -1.25
CA ASP A 51 -3.81 -8.90 -0.31
C ASP A 51 -2.63 -8.38 -1.12
N ILE A 52 -2.59 -7.06 -1.34
CA ILE A 52 -1.49 -6.38 -1.99
C ILE A 52 -0.53 -6.02 -0.87
N GLN A 53 0.73 -6.39 -1.02
CA GLN A 53 1.81 -6.05 -0.11
C GLN A 53 2.65 -4.98 -0.81
N ILE A 54 3.53 -4.30 -0.08
CA ILE A 54 4.41 -3.30 -0.67
C ILE A 54 5.67 -4.02 -1.15
N VAL A 55 6.01 -3.93 -2.43
CA VAL A 55 7.33 -4.36 -2.88
C VAL A 55 8.33 -3.33 -2.39
N LYS A 56 8.07 -2.05 -2.65
CA LYS A 56 9.05 -1.02 -2.36
C LYS A 56 8.46 0.38 -2.27
N ASP A 57 9.32 1.30 -1.85
CA ASP A 57 9.14 2.74 -1.94
C ASP A 57 9.06 3.14 -3.40
N GLY A 58 8.27 4.18 -3.65
CA GLY A 58 8.31 4.93 -4.89
C GLY A 58 7.74 4.15 -6.06
N GLU A 59 7.48 4.88 -7.14
CA GLU A 59 6.78 4.39 -8.30
C GLU A 59 7.46 3.13 -8.84
N CYS A 60 6.67 2.14 -9.21
CA CYS A 60 7.11 0.75 -9.39
C CYS A 60 8.27 0.68 -10.37
N GLU A 1 15.90 -10.35 -10.69
CA GLU A 1 14.68 -9.55 -10.46
C GLU A 1 15.07 -8.40 -9.53
N LYS A 2 14.13 -7.87 -8.74
CA LYS A 2 14.45 -6.92 -7.69
C LYS A 2 13.36 -7.03 -6.61
N GLN A 3 13.51 -8.00 -5.72
CA GLN A 3 12.67 -8.14 -4.54
C GLN A 3 13.44 -8.92 -3.49
N VAL A 4 13.40 -8.45 -2.25
CA VAL A 4 14.16 -8.99 -1.14
C VAL A 4 13.18 -9.72 -0.23
N PHE A 5 12.43 -8.90 0.50
CA PHE A 5 11.22 -9.18 1.24
C PHE A 5 10.21 -8.20 0.64
N SER A 6 8.92 -8.31 0.98
CA SER A 6 7.96 -7.25 0.73
C SER A 6 7.53 -6.58 2.04
N ARG A 7 7.07 -5.34 1.97
CA ARG A 7 6.46 -4.66 3.10
C ARG A 7 4.97 -5.03 3.18
N MET A 8 4.57 -5.69 4.27
CA MET A 8 3.19 -5.71 4.70
C MET A 8 2.87 -4.29 5.15
N PRO A 9 1.92 -3.56 4.54
CA PRO A 9 1.49 -2.29 5.09
C PRO A 9 0.76 -2.57 6.41
N ILE A 10 0.93 -1.67 7.36
CA ILE A 10 0.06 -1.53 8.52
C ILE A 10 -1.02 -0.54 8.07
N CYS A 11 -2.13 -1.02 7.50
CA CYS A 11 -3.18 -0.15 6.98
C CYS A 11 -3.91 0.48 8.16
N GLU A 12 -3.32 1.59 8.63
CA GLU A 12 -3.52 2.26 9.89
C GLU A 12 -3.45 1.35 11.11
N HIS A 13 -3.56 1.98 12.27
CA HIS A 13 -3.34 1.50 13.61
C HIS A 13 -4.61 1.74 14.41
N MET A 14 -5.17 2.95 14.30
CA MET A 14 -6.42 3.27 14.97
C MET A 14 -7.51 2.30 14.52
N THR A 15 -7.71 2.17 13.21
CA THR A 15 -8.74 1.33 12.61
C THR A 15 -10.14 1.97 12.74
N GLU A 16 -10.41 2.79 13.75
CA GLU A 16 -11.69 3.45 14.02
C GLU A 16 -12.00 4.58 13.01
N SER A 17 -12.00 4.26 11.72
CA SER A 17 -12.33 5.19 10.63
C SER A 17 -11.74 6.61 10.76
N PRO A 18 -10.44 6.77 10.97
CA PRO A 18 -9.78 8.04 10.71
C PRO A 18 -9.68 8.24 9.19
N ASP A 19 -9.07 9.35 8.74
CA ASP A 19 -8.53 9.37 7.39
C ASP A 19 -7.36 8.39 7.34
N CYS A 20 -6.98 8.00 6.13
CA CYS A 20 -5.81 7.18 5.89
C CYS A 20 -4.56 7.90 6.39
N SER A 21 -4.27 9.02 5.74
CA SER A 21 -3.21 9.98 6.00
C SER A 21 -3.07 10.78 4.71
N ARG A 22 -3.19 12.11 4.72
CA ARG A 22 -2.96 12.94 3.54
C ARG A 22 -1.47 13.16 3.22
N ILE A 23 -0.57 12.35 3.76
CA ILE A 23 0.78 12.30 3.23
C ILE A 23 0.69 11.74 1.80
N TYR A 24 1.36 12.36 0.83
CA TYR A 24 1.68 11.73 -0.45
C TYR A 24 2.96 10.97 -0.20
N ASP A 25 3.01 9.68 -0.50
CA ASP A 25 4.19 8.85 -0.26
C ASP A 25 4.02 7.53 -1.02
N PRO A 26 4.44 7.49 -2.28
CA PRO A 26 4.04 6.42 -3.18
C PRO A 26 4.70 5.10 -2.82
N VAL A 27 4.13 4.00 -3.28
CA VAL A 27 4.62 2.64 -3.06
C VAL A 27 4.28 1.79 -4.27
N CYS A 28 5.06 0.73 -4.53
CA CYS A 28 4.83 -0.19 -5.64
C CYS A 28 4.21 -1.49 -5.12
N GLY A 29 2.95 -1.75 -5.45
CA GLY A 29 2.28 -2.97 -5.03
C GLY A 29 2.81 -4.20 -5.76
N THR A 30 2.57 -5.38 -5.20
CA THR A 30 2.82 -6.67 -5.84
C THR A 30 2.09 -6.77 -7.17
N ASP A 31 0.95 -6.09 -7.25
CA ASP A 31 0.10 -5.96 -8.43
C ASP A 31 0.72 -5.05 -9.48
N GLY A 32 1.87 -4.45 -9.19
CA GLY A 32 2.54 -3.55 -10.12
C GLY A 32 1.77 -2.25 -10.27
N VAL A 33 0.97 -1.88 -9.28
CA VAL A 33 0.35 -0.57 -9.22
C VAL A 33 1.29 0.34 -8.45
N THR A 34 1.73 1.41 -9.08
CA THR A 34 2.25 2.56 -8.38
C THR A 34 1.06 3.22 -7.68
N TYR A 35 1.09 3.27 -6.35
CA TYR A 35 0.12 4.03 -5.57
C TYR A 35 0.69 5.43 -5.31
N GLU A 36 -0.17 6.43 -5.11
CA GLU A 36 0.23 7.77 -4.64
C GLU A 36 0.49 7.78 -3.13
N SER A 37 -0.28 7.00 -2.38
CA SER A 37 -0.08 6.84 -0.96
C SER A 37 -0.59 5.46 -0.58
N GLU A 38 -0.08 4.95 0.53
CA GLU A 38 -0.61 3.80 1.25
C GLU A 38 -2.13 3.84 1.25
N CYS A 39 -2.73 5.02 1.39
CA CYS A 39 -4.18 5.14 1.40
C CYS A 39 -4.83 4.43 0.22
N LYS A 40 -4.36 4.72 -1.00
CA LYS A 40 -4.93 4.11 -2.20
C LYS A 40 -4.58 2.63 -2.27
N LEU A 41 -3.43 2.22 -1.74
CA LEU A 41 -3.10 0.80 -1.64
C LEU A 41 -4.12 0.12 -0.74
N CYS A 42 -4.29 0.62 0.48
CA CYS A 42 -5.20 0.11 1.49
C CYS A 42 -6.60 0.05 0.92
N LEU A 43 -7.03 1.13 0.25
CA LEU A 43 -8.29 1.16 -0.49
C LEU A 43 -8.36 -0.03 -1.45
N ALA A 44 -7.37 -0.20 -2.33
CA ALA A 44 -7.39 -1.31 -3.30
C ALA A 44 -7.43 -2.66 -2.59
N ARG A 45 -6.53 -2.87 -1.64
CA ARG A 45 -6.44 -4.04 -0.79
C ARG A 45 -7.81 -4.39 -0.21
N ILE A 46 -8.50 -3.42 0.38
CA ILE A 46 -9.81 -3.63 1.00
C ILE A 46 -10.88 -3.87 -0.07
N GLU A 47 -10.84 -3.14 -1.19
CA GLU A 47 -11.85 -3.24 -2.24
C GLU A 47 -11.76 -4.62 -2.88
N ASN A 48 -10.54 -4.99 -3.30
CA ASN A 48 -10.23 -6.26 -3.94
C ASN A 48 -10.32 -7.39 -2.93
N LYS A 49 -10.03 -7.09 -1.68
CA LYS A 49 -9.88 -8.05 -0.59
C LYS A 49 -8.81 -9.05 -1.01
N GLN A 50 -7.55 -8.61 -1.06
CA GLN A 50 -6.42 -9.43 -1.49
C GLN A 50 -5.23 -9.22 -0.57
N ASP A 51 -4.46 -10.29 -0.34
CA ASP A 51 -3.18 -10.25 0.36
C ASP A 51 -2.11 -9.61 -0.54
N ILE A 52 -2.28 -8.31 -0.83
CA ILE A 52 -1.32 -7.53 -1.60
C ILE A 52 -0.06 -7.36 -0.74
N GLN A 53 1.07 -7.00 -1.32
CA GLN A 53 2.19 -6.49 -0.54
C GLN A 53 2.88 -5.35 -1.30
N ILE A 54 3.77 -4.62 -0.64
CA ILE A 54 4.57 -3.58 -1.28
C ILE A 54 5.88 -4.24 -1.65
N VAL A 55 6.22 -4.29 -2.94
CA VAL A 55 7.49 -4.83 -3.38
C VAL A 55 8.60 -3.85 -3.01
N LYS A 56 8.36 -2.56 -3.22
CA LYS A 56 9.34 -1.53 -2.96
C LYS A 56 8.63 -0.19 -2.75
N ASP A 57 9.23 0.65 -1.90
CA ASP A 57 8.73 1.95 -1.53
C ASP A 57 8.95 2.91 -2.69
N GLY A 58 8.12 3.94 -2.85
CA GLY A 58 8.16 4.77 -4.03
C GLY A 58 7.53 4.03 -5.21
N GLU A 59 7.44 4.68 -6.37
CA GLU A 59 6.73 4.10 -7.49
C GLU A 59 7.34 2.80 -7.98
N CYS A 60 6.60 2.10 -8.84
CA CYS A 60 7.07 0.89 -9.48
C CYS A 60 8.11 1.26 -10.52
N GLU A 1 9.37 -12.71 -5.65
CA GLU A 1 10.15 -12.53 -6.89
C GLU A 1 10.85 -11.17 -6.81
N LYS A 2 11.76 -10.91 -7.76
CA LYS A 2 12.62 -9.74 -7.88
C LYS A 2 13.56 -9.52 -6.70
N GLN A 3 14.48 -8.56 -6.86
CA GLN A 3 15.19 -7.98 -5.73
C GLN A 3 14.16 -7.29 -4.85
N VAL A 4 14.39 -7.34 -3.54
CA VAL A 4 13.44 -7.03 -2.48
C VAL A 4 12.38 -8.13 -2.37
N PHE A 5 11.97 -8.41 -1.14
CA PHE A 5 10.76 -9.17 -0.85
C PHE A 5 9.76 -8.13 -0.35
N SER A 6 8.47 -8.36 -0.54
CA SER A 6 7.48 -7.36 -0.15
C SER A 6 7.46 -7.16 1.36
N ARG A 7 6.96 -6.02 1.80
CA ARG A 7 6.85 -5.58 3.17
C ARG A 7 5.40 -5.25 3.41
N MET A 8 4.85 -5.71 4.53
CA MET A 8 3.41 -5.68 4.74
C MET A 8 2.99 -4.33 5.32
N PRO A 9 2.26 -3.49 4.59
CA PRO A 9 1.55 -2.38 5.21
C PRO A 9 0.43 -2.97 6.07
N ILE A 10 0.04 -2.31 7.14
CA ILE A 10 -0.66 -2.93 8.25
C ILE A 10 -2.10 -2.41 8.38
N CYS A 11 -2.96 -2.73 7.42
CA CYS A 11 -4.40 -2.65 7.64
C CYS A 11 -4.82 -3.78 8.55
N GLU A 12 -5.82 -3.55 9.40
CA GLU A 12 -6.63 -4.56 10.02
C GLU A 12 -7.83 -4.84 9.13
N HIS A 13 -8.53 -3.78 8.73
CA HIS A 13 -9.82 -3.77 8.06
C HIS A 13 -10.24 -2.35 7.66
N MET A 14 -9.83 -1.32 8.41
CA MET A 14 -10.21 0.05 8.19
C MET A 14 -9.15 0.72 7.32
N THR A 15 -8.28 1.53 7.88
CA THR A 15 -7.22 2.20 7.16
C THR A 15 -6.13 2.62 8.14
N GLU A 16 -4.89 2.58 7.66
CA GLU A 16 -3.75 3.16 8.31
C GLU A 16 -3.77 4.68 8.13
N SER A 17 -4.33 5.17 7.01
CA SER A 17 -4.25 6.57 6.57
C SER A 17 -2.99 7.32 7.03
N PRO A 18 -1.78 6.88 6.64
CA PRO A 18 -0.57 7.62 6.93
C PRO A 18 -0.61 8.96 6.20
N ASP A 19 -0.78 8.91 4.87
CA ASP A 19 -0.69 10.09 4.02
C ASP A 19 -1.86 10.25 3.07
N CYS A 20 -3.07 10.02 3.56
CA CYS A 20 -4.27 10.56 2.93
C CYS A 20 -4.34 12.04 3.28
N SER A 21 -3.47 12.86 2.71
CA SER A 21 -3.47 14.31 2.89
C SER A 21 -2.91 14.99 1.63
N ARG A 22 -3.22 14.40 0.48
CA ARG A 22 -2.73 14.71 -0.85
C ARG A 22 -1.20 14.80 -0.92
N ILE A 23 -0.52 14.14 0.02
CA ILE A 23 0.92 14.04 0.05
C ILE A 23 1.31 13.11 -1.09
N TYR A 24 2.17 13.61 -1.98
CA TYR A 24 2.64 12.83 -3.12
C TYR A 24 3.75 11.92 -2.62
N ASP A 25 3.45 10.67 -2.29
CA ASP A 25 4.43 9.72 -1.79
C ASP A 25 4.06 8.29 -2.18
N PRO A 26 4.32 7.92 -3.45
CA PRO A 26 3.84 6.65 -3.97
C PRO A 26 4.55 5.45 -3.34
N VAL A 27 3.98 4.26 -3.56
CA VAL A 27 4.57 2.98 -3.15
C VAL A 27 4.19 1.93 -4.20
N CYS A 28 5.06 0.93 -4.41
CA CYS A 28 4.94 -0.05 -5.48
C CYS A 28 4.22 -1.31 -5.00
N GLY A 29 3.07 -1.69 -5.56
CA GLY A 29 2.19 -2.73 -5.02
C GLY A 29 2.35 -4.09 -5.70
N THR A 30 2.11 -5.21 -4.99
CA THR A 30 2.21 -6.55 -5.57
C THR A 30 1.20 -6.79 -6.69
N ASP A 31 0.17 -5.95 -6.80
CA ASP A 31 -0.83 -6.03 -7.85
C ASP A 31 -0.25 -5.60 -9.20
N GLY A 32 0.95 -5.00 -9.17
CA GLY A 32 1.70 -4.58 -10.34
C GLY A 32 1.55 -3.08 -10.58
N VAL A 33 0.82 -2.36 -9.72
CA VAL A 33 0.55 -0.95 -9.85
C VAL A 33 1.52 -0.18 -8.95
N THR A 34 1.58 1.13 -9.12
CA THR A 34 2.16 2.08 -8.20
C THR A 34 1.01 2.84 -7.53
N TYR A 35 0.79 2.65 -6.24
CA TYR A 35 -0.19 3.42 -5.49
C TYR A 35 0.40 4.77 -5.14
N GLU A 36 -0.47 5.74 -4.93
CA GLU A 36 -0.09 7.12 -4.63
C GLU A 36 0.35 7.29 -3.17
N SER A 37 -0.10 6.41 -2.28
CA SER A 37 0.32 6.35 -0.87
C SER A 37 -0.35 5.12 -0.25
N GLU A 38 0.15 4.66 0.90
CA GLU A 38 -0.29 3.40 1.49
C GLU A 38 -1.75 3.45 1.93
N CYS A 39 -2.27 4.66 2.17
CA CYS A 39 -3.67 4.88 2.53
C CYS A 39 -4.59 4.20 1.51
N LYS A 40 -4.52 4.65 0.26
CA LYS A 40 -5.29 4.06 -0.82
C LYS A 40 -4.85 2.63 -1.09
N LEU A 41 -3.64 2.24 -0.71
CA LEU A 41 -3.22 0.86 -0.89
C LEU A 41 -3.96 -0.01 0.14
N CYS A 42 -4.13 0.46 1.38
CA CYS A 42 -5.12 -0.07 2.34
C CYS A 42 -6.47 -0.26 1.70
N LEU A 43 -7.02 0.84 1.20
CA LEU A 43 -8.28 0.81 0.49
C LEU A 43 -8.24 -0.23 -0.62
N ALA A 44 -7.09 -0.42 -1.27
CA ALA A 44 -6.90 -1.39 -2.34
C ALA A 44 -6.97 -2.84 -1.85
N ARG A 45 -6.25 -3.19 -0.78
CA ARG A 45 -6.31 -4.56 -0.22
C ARG A 45 -7.77 -4.90 0.03
N ILE A 46 -8.53 -3.90 0.48
CA ILE A 46 -9.95 -4.06 0.75
C ILE A 46 -10.73 -4.19 -0.55
N GLU A 47 -10.72 -3.20 -1.44
CA GLU A 47 -11.56 -3.21 -2.64
C GLU A 47 -11.29 -4.49 -3.46
N ASN A 48 -10.01 -4.84 -3.60
CA ASN A 48 -9.58 -5.91 -4.48
C ASN A 48 -9.70 -7.25 -3.80
N LYS A 49 -9.72 -7.30 -2.46
CA LYS A 49 -9.55 -8.55 -1.71
C LYS A 49 -8.42 -9.39 -2.27
N GLN A 50 -7.21 -8.82 -2.24
CA GLN A 50 -5.96 -9.53 -2.45
C GLN A 50 -4.98 -8.95 -1.44
N ASP A 51 -3.95 -9.71 -1.07
CA ASP A 51 -2.84 -9.21 -0.29
C ASP A 51 -2.04 -8.25 -1.15
N ILE A 52 -2.53 -7.03 -1.35
CA ILE A 52 -1.77 -6.00 -2.01
C ILE A 52 -0.71 -5.57 -1.01
N GLN A 53 0.46 -6.21 -1.10
CA GLN A 53 1.62 -5.90 -0.29
C GLN A 53 2.40 -4.81 -1.00
N ILE A 54 3.22 -4.08 -0.27
CA ILE A 54 4.15 -3.14 -0.88
C ILE A 54 5.37 -3.97 -1.24
N VAL A 55 5.78 -3.95 -2.51
CA VAL A 55 7.02 -4.59 -2.92
C VAL A 55 8.13 -3.70 -2.37
N LYS A 56 8.04 -2.40 -2.65
CA LYS A 56 8.95 -1.43 -2.07
C LYS A 56 8.31 -0.05 -2.18
N ASP A 57 8.85 0.90 -1.43
CA ASP A 57 8.29 2.23 -1.32
C ASP A 57 8.66 3.03 -2.58
N GLY A 58 8.04 4.19 -2.75
CA GLY A 58 8.30 5.06 -3.89
C GLY A 58 7.72 4.49 -5.18
N GLU A 59 7.97 5.18 -6.29
CA GLU A 59 7.64 4.67 -7.61
C GLU A 59 8.31 3.31 -7.83
N CYS A 60 7.77 2.51 -8.75
CA CYS A 60 8.21 1.14 -8.94
C CYS A 60 9.63 1.12 -9.50
N GLU A 1 23.02 -6.09 -0.46
CA GLU A 1 21.88 -5.41 -1.08
C GLU A 1 20.59 -6.23 -1.02
N LYS A 2 20.66 -7.52 -1.32
CA LYS A 2 19.53 -8.33 -1.75
C LYS A 2 18.54 -8.73 -0.63
N GLN A 3 17.85 -7.74 -0.07
CA GLN A 3 16.60 -7.98 0.64
C GLN A 3 15.60 -8.43 -0.40
N VAL A 4 15.11 -7.49 -1.21
CA VAL A 4 14.05 -7.68 -2.17
C VAL A 4 12.94 -8.51 -1.52
N PHE A 5 12.49 -8.05 -0.35
CA PHE A 5 11.35 -8.60 0.36
C PHE A 5 10.29 -7.52 0.38
N SER A 6 9.05 -7.92 0.15
CA SER A 6 7.95 -7.02 0.23
C SER A 6 7.75 -6.56 1.69
N ARG A 7 7.18 -5.38 1.86
CA ARG A 7 6.87 -4.69 3.10
C ARG A 7 5.36 -4.50 3.09
N MET A 8 4.63 -4.74 4.18
CA MET A 8 3.19 -4.50 4.17
C MET A 8 2.89 -3.07 4.59
N PRO A 9 1.85 -2.45 4.03
CA PRO A 9 1.25 -1.29 4.63
C PRO A 9 0.60 -1.76 5.93
N ILE A 10 0.98 -1.16 7.04
CA ILE A 10 0.49 -1.53 8.35
C ILE A 10 -0.90 -0.92 8.48
N CYS A 11 -1.87 -1.55 7.82
CA CYS A 11 -3.26 -1.09 7.77
C CYS A 11 -3.87 -1.34 9.14
N GLU A 12 -4.42 -0.31 9.76
CA GLU A 12 -5.19 -0.42 10.97
C GLU A 12 -6.40 -1.32 10.73
N HIS A 13 -7.37 -0.85 9.95
CA HIS A 13 -8.60 -1.60 9.70
C HIS A 13 -9.26 -1.14 8.40
N MET A 14 -10.07 -2.01 7.80
CA MET A 14 -10.55 -1.83 6.44
C MET A 14 -11.67 -0.78 6.30
N THR A 15 -11.85 0.13 7.26
CA THR A 15 -12.90 1.12 7.24
C THR A 15 -12.27 2.50 7.51
N GLU A 16 -11.90 3.23 6.47
CA GLU A 16 -11.49 4.61 6.60
C GLU A 16 -12.73 5.49 6.60
N SER A 17 -13.06 6.15 7.71
CA SER A 17 -14.14 7.13 7.68
C SER A 17 -13.85 8.31 6.74
N PRO A 18 -12.67 8.95 6.79
CA PRO A 18 -12.39 10.11 5.97
C PRO A 18 -11.86 9.69 4.61
N ASP A 19 -11.73 10.67 3.72
CA ASP A 19 -10.87 10.58 2.54
C ASP A 19 -9.42 10.51 3.03
N CYS A 20 -8.49 10.07 2.18
CA CYS A 20 -7.09 9.90 2.53
C CYS A 20 -6.52 11.25 2.95
N SER A 21 -5.51 11.27 3.82
CA SER A 21 -4.87 12.50 4.25
C SER A 21 -3.92 13.08 3.20
N ARG A 22 -4.28 12.96 1.92
CA ARG A 22 -3.56 13.49 0.78
C ARG A 22 -2.05 13.24 0.87
N ILE A 23 -1.68 12.07 1.36
CA ILE A 23 -0.31 11.65 1.43
C ILE A 23 0.15 11.32 0.02
N TYR A 24 1.22 11.98 -0.41
CA TYR A 24 1.85 11.76 -1.70
C TYR A 24 3.27 11.24 -1.45
N ASP A 25 3.36 9.97 -1.06
CA ASP A 25 4.58 9.27 -0.70
C ASP A 25 4.41 7.83 -1.21
N PRO A 26 4.68 7.58 -2.50
CA PRO A 26 4.17 6.41 -3.18
C PRO A 26 4.87 5.12 -2.78
N VAL A 27 4.27 4.02 -3.23
CA VAL A 27 4.72 2.66 -2.98
C VAL A 27 4.28 1.79 -4.16
N CYS A 28 5.03 0.72 -4.46
CA CYS A 28 4.79 -0.18 -5.59
C CYS A 28 4.16 -1.48 -5.08
N GLY A 29 2.90 -1.76 -5.42
CA GLY A 29 2.20 -2.96 -4.97
C GLY A 29 2.68 -4.22 -5.69
N THR A 30 2.45 -5.41 -5.09
CA THR A 30 2.74 -6.71 -5.68
C THR A 30 1.92 -6.98 -6.94
N ASP A 31 0.81 -6.26 -7.11
CA ASP A 31 0.00 -6.23 -8.31
C ASP A 31 0.66 -5.39 -9.42
N GLY A 32 1.72 -4.66 -9.10
CA GLY A 32 2.40 -3.78 -10.05
C GLY A 32 1.76 -2.38 -10.08
N VAL A 33 0.64 -2.17 -9.38
CA VAL A 33 0.03 -0.85 -9.34
C VAL A 33 0.90 0.00 -8.43
N THR A 34 1.25 1.20 -8.87
CA THR A 34 1.81 2.19 -7.97
C THR A 34 0.63 2.83 -7.23
N TYR A 35 0.75 2.94 -5.91
CA TYR A 35 -0.18 3.68 -5.08
C TYR A 35 0.53 4.90 -4.57
N GLU A 36 -0.20 6.01 -4.45
CA GLU A 36 0.30 7.28 -3.98
C GLU A 36 0.66 7.24 -2.49
N SER A 37 0.09 6.27 -1.76
CA SER A 37 0.30 6.11 -0.33
C SER A 37 -0.27 4.76 0.08
N GLU A 38 0.19 4.25 1.22
CA GLU A 38 -0.44 3.14 1.90
C GLU A 38 -1.92 3.39 2.14
N CYS A 39 -2.40 4.65 2.16
CA CYS A 39 -3.84 4.89 2.34
C CYS A 39 -4.62 4.22 1.22
N LYS A 40 -4.43 4.73 -0.01
CA LYS A 40 -5.12 4.20 -1.17
C LYS A 40 -4.77 2.73 -1.40
N LEU A 41 -3.59 2.27 -0.99
CA LEU A 41 -3.26 0.87 -1.21
C LEU A 41 -4.10 0.06 -0.21
N CYS A 42 -4.13 0.45 1.06
CA CYS A 42 -4.96 -0.21 2.08
C CYS A 42 -6.39 -0.30 1.57
N LEU A 43 -6.91 0.80 1.04
CA LEU A 43 -8.19 0.82 0.34
C LEU A 43 -8.23 -0.25 -0.76
N ALA A 44 -7.28 -0.22 -1.70
CA ALA A 44 -7.26 -1.13 -2.83
C ALA A 44 -7.27 -2.60 -2.40
N ARG A 45 -6.61 -2.95 -1.31
CA ARG A 45 -6.67 -4.32 -0.79
C ARG A 45 -8.12 -4.78 -0.64
N ILE A 46 -9.00 -3.89 -0.19
CA ILE A 46 -10.40 -4.20 0.01
C ILE A 46 -11.06 -4.35 -1.35
N GLU A 47 -10.87 -3.38 -2.23
CA GLU A 47 -11.49 -3.36 -3.55
C GLU A 47 -11.12 -4.61 -4.34
N ASN A 48 -9.84 -4.97 -4.36
CA ASN A 48 -9.36 -6.20 -4.98
C ASN A 48 -9.81 -7.41 -4.18
N LYS A 49 -9.82 -7.26 -2.86
CA LYS A 49 -10.07 -8.26 -1.83
C LYS A 49 -8.80 -9.06 -1.50
N GLN A 50 -7.61 -8.58 -1.90
CA GLN A 50 -6.35 -9.29 -1.73
C GLN A 50 -5.50 -8.62 -0.66
N ASP A 51 -4.78 -9.42 0.11
CA ASP A 51 -3.72 -8.98 1.00
C ASP A 51 -2.51 -8.62 0.14
N ILE A 52 -2.60 -7.50 -0.58
CA ILE A 52 -1.54 -7.04 -1.50
C ILE A 52 -0.35 -6.65 -0.61
N GLN A 53 0.90 -6.81 -1.04
CA GLN A 53 2.06 -6.29 -0.32
C GLN A 53 2.74 -5.22 -1.17
N ILE A 54 3.64 -4.41 -0.58
CA ILE A 54 4.43 -3.44 -1.32
C ILE A 54 5.75 -4.12 -1.64
N VAL A 55 6.13 -4.18 -2.92
CA VAL A 55 7.39 -4.74 -3.35
C VAL A 55 8.51 -3.79 -2.97
N LYS A 56 8.29 -2.49 -3.16
CA LYS A 56 9.26 -1.48 -2.83
C LYS A 56 8.57 -0.15 -2.60
N ASP A 57 9.22 0.71 -1.84
CA ASP A 57 8.85 2.09 -1.66
C ASP A 57 8.92 2.78 -3.03
N GLY A 58 8.18 3.87 -3.18
CA GLY A 58 8.18 4.67 -4.40
C GLY A 58 7.46 3.95 -5.52
N GLU A 59 7.24 4.64 -6.65
CA GLU A 59 6.56 4.04 -7.78
C GLU A 59 7.31 2.82 -8.28
N CYS A 60 6.58 1.91 -8.93
CA CYS A 60 7.15 0.72 -9.56
C CYS A 60 8.11 1.16 -10.66
N GLU A 1 20.82 -14.08 1.06
CA GLU A 1 20.22 -14.50 2.32
C GLU A 1 18.87 -13.80 2.49
N LYS A 2 18.29 -13.82 3.68
CA LYS A 2 17.01 -13.17 3.92
C LYS A 2 17.26 -11.68 4.03
N GLN A 3 17.08 -10.97 2.93
CA GLN A 3 16.96 -9.51 2.95
C GLN A 3 15.98 -9.01 1.89
N VAL A 4 15.74 -9.78 0.82
CA VAL A 4 14.54 -9.61 0.01
C VAL A 4 13.34 -9.91 0.91
N PHE A 5 12.39 -8.99 1.01
CA PHE A 5 11.06 -9.27 1.52
C PHE A 5 10.15 -8.13 1.12
N SER A 6 8.89 -8.42 0.81
CA SER A 6 7.90 -7.39 0.61
C SER A 6 7.57 -6.75 1.97
N ARG A 7 6.82 -5.66 2.00
CA ARG A 7 6.36 -5.02 3.23
C ARG A 7 4.85 -4.91 3.14
N MET A 8 4.07 -5.50 4.04
CA MET A 8 2.65 -5.18 4.08
C MET A 8 2.53 -3.73 4.53
N PRO A 9 1.75 -2.88 3.84
CA PRO A 9 1.43 -1.56 4.36
C PRO A 9 0.57 -1.75 5.61
N ILE A 10 0.99 -1.09 6.68
CA ILE A 10 0.54 -1.37 8.03
C ILE A 10 -0.73 -0.55 8.24
N CYS A 11 -1.88 -1.22 8.15
CA CYS A 11 -3.18 -0.61 7.97
C CYS A 11 -4.22 -1.37 8.79
N GLU A 12 -4.20 -1.10 10.08
CA GLU A 12 -5.02 -1.67 11.13
C GLU A 12 -5.69 -0.57 11.94
N HIS A 13 -5.88 0.61 11.34
CA HIS A 13 -6.34 1.77 12.09
C HIS A 13 -7.81 1.59 12.46
N MET A 14 -8.16 1.87 13.71
CA MET A 14 -9.49 1.66 14.25
C MET A 14 -10.41 2.81 13.80
N THR A 15 -10.58 2.97 12.48
CA THR A 15 -11.46 3.94 11.87
C THR A 15 -11.68 3.47 10.43
N GLU A 16 -12.95 3.28 10.03
CA GLU A 16 -13.29 2.70 8.74
C GLU A 16 -12.71 3.55 7.61
N SER A 17 -13.03 4.84 7.64
CA SER A 17 -12.69 5.81 6.63
C SER A 17 -11.74 6.85 7.23
N PRO A 18 -10.44 6.53 7.39
CA PRO A 18 -9.44 7.54 7.65
C PRO A 18 -9.27 8.36 6.37
N ASP A 19 -8.76 9.58 6.47
CA ASP A 19 -8.56 10.40 5.28
C ASP A 19 -7.29 9.92 4.60
N CYS A 20 -7.27 9.88 3.27
CA CYS A 20 -6.05 9.72 2.52
C CYS A 20 -5.24 11.03 2.56
N SER A 21 -5.89 12.13 2.95
CA SER A 21 -5.31 13.38 3.47
C SER A 21 -4.13 13.89 2.62
N ARG A 22 -4.26 13.80 1.29
CA ARG A 22 -3.23 13.98 0.28
C ARG A 22 -1.83 13.66 0.82
N ILE A 23 -1.75 12.50 1.47
CA ILE A 23 -0.46 11.91 1.80
C ILE A 23 0.15 11.56 0.44
N TYR A 24 1.32 12.10 0.13
CA TYR A 24 2.00 11.80 -1.12
C TYR A 24 3.30 11.10 -0.75
N ASP A 25 3.28 9.78 -0.78
CA ASP A 25 4.36 8.94 -0.29
C ASP A 25 4.26 7.59 -1.02
N PRO A 26 4.53 7.58 -2.33
CA PRO A 26 4.12 6.48 -3.18
C PRO A 26 4.78 5.16 -2.79
N VAL A 27 4.11 4.07 -3.16
CA VAL A 27 4.56 2.72 -2.91
C VAL A 27 4.03 1.85 -4.05
N CYS A 28 4.79 0.82 -4.45
CA CYS A 28 4.41 -0.06 -5.54
C CYS A 28 3.91 -1.40 -5.00
N GLY A 29 2.65 -1.74 -5.26
CA GLY A 29 2.05 -2.97 -4.78
C GLY A 29 2.51 -4.18 -5.59
N THR A 30 2.41 -5.38 -5.01
CA THR A 30 2.63 -6.65 -5.69
C THR A 30 1.56 -6.90 -6.75
N ASP A 31 0.48 -6.12 -6.74
CA ASP A 31 -0.51 -6.08 -7.81
C ASP A 31 0.09 -5.36 -9.03
N GLY A 32 1.16 -4.59 -8.85
CA GLY A 32 1.90 -3.90 -9.89
C GLY A 32 1.58 -2.40 -9.93
N VAL A 33 0.73 -1.91 -9.04
CA VAL A 33 0.25 -0.55 -9.10
C VAL A 33 1.08 0.33 -8.16
N THR A 34 1.69 1.37 -8.73
CA THR A 34 2.17 2.50 -7.96
C THR A 34 0.97 3.29 -7.43
N TYR A 35 0.69 3.20 -6.13
CA TYR A 35 -0.29 4.05 -5.47
C TYR A 35 0.42 5.28 -4.93
N GLU A 36 -0.26 6.44 -4.96
CA GLU A 36 0.30 7.72 -4.55
C GLU A 36 0.66 7.72 -3.06
N SER A 37 -0.04 6.94 -2.25
CA SER A 37 0.37 6.64 -0.89
C SER A 37 -0.32 5.36 -0.43
N GLU A 38 0.08 4.86 0.75
CA GLU A 38 -0.38 3.59 1.24
C GLU A 38 -1.90 3.57 1.41
N CYS A 39 -2.52 4.72 1.68
CA CYS A 39 -3.98 4.82 1.87
C CYS A 39 -4.71 4.07 0.76
N LYS A 40 -4.38 4.45 -0.48
CA LYS A 40 -5.05 3.90 -1.65
C LYS A 40 -4.61 2.47 -1.94
N LEU A 41 -3.37 2.11 -1.59
CA LEU A 41 -2.96 0.71 -1.70
C LEU A 41 -3.83 -0.12 -0.75
N CYS A 42 -4.00 0.33 0.48
CA CYS A 42 -4.75 -0.38 1.50
C CYS A 42 -6.23 -0.44 1.14
N LEU A 43 -6.79 0.67 0.67
CA LEU A 43 -8.08 0.66 0.03
C LEU A 43 -8.10 -0.44 -1.04
N ALA A 44 -7.13 -0.45 -1.97
CA ALA A 44 -7.07 -1.44 -3.04
C ALA A 44 -7.08 -2.86 -2.50
N ARG A 45 -6.35 -3.13 -1.42
CA ARG A 45 -6.36 -4.43 -0.75
C ARG A 45 -7.80 -4.81 -0.41
N ILE A 46 -8.51 -3.90 0.28
CA ILE A 46 -9.89 -4.13 0.68
C ILE A 46 -10.77 -4.32 -0.55
N GLU A 47 -10.72 -3.40 -1.52
CA GLU A 47 -11.51 -3.43 -2.73
C GLU A 47 -11.34 -4.79 -3.42
N ASN A 48 -10.09 -5.15 -3.72
CA ASN A 48 -9.74 -6.36 -4.45
C ASN A 48 -9.96 -7.62 -3.62
N LYS A 49 -10.09 -7.50 -2.29
CA LYS A 49 -10.13 -8.63 -1.38
C LYS A 49 -8.80 -9.38 -1.47
N GLN A 50 -7.70 -8.64 -1.50
CA GLN A 50 -6.36 -9.19 -1.64
C GLN A 50 -5.43 -8.58 -0.62
N ASP A 51 -4.63 -9.42 0.04
CA ASP A 51 -3.48 -8.96 0.80
C ASP A 51 -2.37 -8.62 -0.20
N ILE A 52 -2.49 -7.48 -0.86
CA ILE A 52 -1.44 -6.92 -1.70
C ILE A 52 -0.33 -6.47 -0.74
N GLN A 53 0.92 -6.79 -1.05
CA GLN A 53 2.10 -6.37 -0.29
C GLN A 53 2.84 -5.32 -1.10
N ILE A 54 3.75 -4.57 -0.49
CA ILE A 54 4.57 -3.58 -1.19
C ILE A 54 5.85 -4.26 -1.68
N VAL A 55 6.10 -4.15 -2.98
CA VAL A 55 7.29 -4.65 -3.64
C VAL A 55 8.44 -3.74 -3.20
N LYS A 56 8.21 -2.43 -3.25
CA LYS A 56 9.25 -1.43 -3.04
C LYS A 56 8.61 -0.09 -2.70
N ASP A 57 9.34 0.71 -1.94
CA ASP A 57 9.02 2.09 -1.65
C ASP A 57 9.03 2.89 -2.94
N GLY A 58 8.19 3.92 -3.00
CA GLY A 58 8.11 4.79 -4.14
C GLY A 58 7.43 4.11 -5.30
N GLU A 59 7.45 4.79 -6.44
CA GLU A 59 6.95 4.24 -7.68
C GLU A 59 7.74 2.98 -8.06
N CYS A 60 7.19 2.15 -8.95
CA CYS A 60 7.88 0.98 -9.46
C CYS A 60 8.97 1.44 -10.43
N GLU A 1 8.19 -9.65 12.74
CA GLU A 1 7.39 -10.17 11.62
C GLU A 1 8.35 -10.42 10.45
N LYS A 2 7.85 -10.44 9.21
CA LYS A 2 8.58 -11.06 8.11
C LYS A 2 8.58 -10.16 6.89
N GLN A 3 9.64 -9.37 6.69
CA GLN A 3 9.78 -8.53 5.50
C GLN A 3 9.85 -9.39 4.23
N VAL A 4 10.89 -10.20 4.06
CA VAL A 4 11.15 -10.98 2.85
C VAL A 4 10.88 -10.11 1.61
N PHE A 5 11.56 -8.97 1.52
CA PHE A 5 11.47 -8.02 0.41
C PHE A 5 10.12 -7.31 0.31
N SER A 6 9.04 -7.91 0.80
CA SER A 6 7.70 -7.38 0.88
C SER A 6 7.52 -6.67 2.23
N ARG A 7 6.33 -6.12 2.45
CA ARG A 7 5.99 -5.35 3.63
C ARG A 7 4.58 -5.73 4.02
N MET A 8 4.29 -5.75 5.31
CA MET A 8 2.95 -5.85 5.84
C MET A 8 2.35 -4.45 6.05
N PRO A 9 1.69 -3.84 5.04
CA PRO A 9 1.18 -2.50 5.17
C PRO A 9 0.11 -2.47 6.27
N ILE A 10 0.24 -1.52 7.17
CA ILE A 10 -0.76 -1.22 8.17
C ILE A 10 -1.87 -0.51 7.40
N CYS A 11 -3.11 -0.93 7.65
CA CYS A 11 -4.28 -0.50 6.92
C CYS A 11 -5.41 -0.47 7.94
N GLU A 12 -6.22 0.59 7.97
CA GLU A 12 -7.29 0.68 8.95
C GLU A 12 -8.31 -0.44 8.74
N HIS A 13 -9.03 -0.81 9.80
CA HIS A 13 -10.29 -1.50 9.70
C HIS A 13 -11.35 -0.54 10.22
N MET A 14 -12.06 -0.87 11.30
CA MET A 14 -13.14 -0.03 11.81
C MET A 14 -12.86 0.40 13.25
N THR A 15 -11.60 0.47 13.67
CA THR A 15 -11.25 0.98 14.98
C THR A 15 -9.96 1.81 14.91
N GLU A 16 -8.85 1.24 14.43
CA GLU A 16 -7.63 2.01 14.28
C GLU A 16 -7.72 2.75 12.95
N SER A 17 -8.67 3.68 12.92
CA SER A 17 -9.23 4.26 11.72
C SER A 17 -9.20 5.78 11.86
N PRO A 18 -8.07 6.43 11.52
CA PRO A 18 -7.92 7.87 11.60
C PRO A 18 -8.50 8.47 10.31
N ASP A 19 -7.75 9.35 9.64
CA ASP A 19 -8.04 9.88 8.32
C ASP A 19 -6.85 9.48 7.46
N CYS A 20 -7.03 9.14 6.19
CA CYS A 20 -5.90 8.74 5.35
C CYS A 20 -4.89 9.88 5.26
N SER A 21 -3.61 9.58 5.44
CA SER A 21 -2.56 10.58 5.27
C SER A 21 -2.50 11.01 3.80
N ARG A 22 -2.65 12.30 3.51
CA ARG A 22 -2.54 12.86 2.17
C ARG A 22 -1.09 13.03 1.73
N ILE A 23 -0.15 12.36 2.38
CA ILE A 23 1.27 12.52 2.13
C ILE A 23 1.57 12.06 0.70
N TYR A 24 2.20 12.89 -0.12
CA TYR A 24 2.76 12.45 -1.38
C TYR A 24 4.01 11.63 -1.04
N ASP A 25 3.90 10.31 -0.98
CA ASP A 25 5.04 9.42 -0.83
C ASP A 25 4.73 8.05 -1.46
N PRO A 26 4.88 7.91 -2.79
CA PRO A 26 4.38 6.75 -3.49
C PRO A 26 5.06 5.45 -3.06
N VAL A 27 4.38 4.32 -3.33
CA VAL A 27 4.84 2.96 -3.16
C VAL A 27 4.23 2.12 -4.30
N CYS A 28 4.80 0.94 -4.62
CA CYS A 28 4.23 0.04 -5.61
C CYS A 28 3.77 -1.28 -5.00
N GLY A 29 2.55 -1.73 -5.27
CA GLY A 29 2.00 -2.95 -4.69
C GLY A 29 2.44 -4.21 -5.45
N THR A 30 2.23 -5.40 -4.87
CA THR A 30 2.42 -6.69 -5.53
C THR A 30 1.26 -7.01 -6.50
N ASP A 31 0.53 -5.99 -6.92
CA ASP A 31 -0.39 -5.95 -8.03
C ASP A 31 0.23 -5.17 -9.19
N GLY A 32 1.41 -4.58 -8.98
CA GLY A 32 2.07 -3.76 -9.96
C GLY A 32 1.51 -2.34 -9.97
N VAL A 33 0.51 -2.02 -9.16
CA VAL A 33 -0.11 -0.71 -9.18
C VAL A 33 0.69 0.21 -8.28
N THR A 34 0.93 1.43 -8.74
CA THR A 34 1.53 2.48 -7.93
C THR A 34 0.43 3.18 -7.14
N TYR A 35 0.70 3.48 -5.87
CA TYR A 35 -0.21 4.18 -4.98
C TYR A 35 0.57 5.30 -4.31
N GLU A 36 0.03 6.51 -4.32
CA GLU A 36 0.75 7.72 -3.95
C GLU A 36 0.89 7.86 -2.43
N SER A 37 0.13 7.07 -1.68
CA SER A 37 0.43 6.78 -0.29
C SER A 37 -0.17 5.41 0.02
N GLU A 38 0.24 4.81 1.13
CA GLU A 38 -0.28 3.51 1.55
C GLU A 38 -1.81 3.53 1.66
N CYS A 39 -2.43 4.69 1.89
CA CYS A 39 -3.89 4.85 1.88
C CYS A 39 -4.54 4.12 0.72
N LYS A 40 -4.10 4.45 -0.49
CA LYS A 40 -4.73 3.97 -1.72
C LYS A 40 -4.41 2.50 -1.95
N LEU A 41 -3.21 2.10 -1.57
CA LEU A 41 -2.84 0.69 -1.56
C LEU A 41 -3.79 -0.07 -0.65
N CYS A 42 -4.02 0.45 0.56
CA CYS A 42 -4.88 -0.15 1.57
C CYS A 42 -6.31 -0.26 1.05
N LEU A 43 -6.86 0.83 0.54
CA LEU A 43 -8.11 0.85 -0.20
C LEU A 43 -8.15 -0.31 -1.21
N ALA A 44 -7.15 -0.38 -2.09
CA ALA A 44 -7.07 -1.44 -3.09
C ALA A 44 -7.03 -2.83 -2.45
N ARG A 45 -6.37 -3.00 -1.30
CA ARG A 45 -6.41 -4.24 -0.51
C ARG A 45 -7.85 -4.71 -0.32
N ILE A 46 -8.76 -3.78 -0.01
CA ILE A 46 -10.15 -4.11 0.24
C ILE A 46 -10.84 -4.45 -1.08
N GLU A 47 -10.78 -3.56 -2.07
CA GLU A 47 -11.55 -3.77 -3.28
C GLU A 47 -11.00 -4.90 -4.15
N ASN A 48 -9.69 -5.12 -4.11
CA ASN A 48 -9.05 -6.29 -4.71
C ASN A 48 -9.32 -7.52 -3.89
N LYS A 49 -9.62 -7.35 -2.60
CA LYS A 49 -9.86 -8.40 -1.62
C LYS A 49 -8.64 -9.31 -1.50
N GLN A 50 -7.41 -8.76 -1.54
CA GLN A 50 -6.22 -9.60 -1.65
C GLN A 50 -5.12 -9.08 -0.73
N ASP A 51 -4.33 -9.98 -0.16
CA ASP A 51 -3.25 -9.69 0.78
C ASP A 51 -2.00 -9.24 0.01
N ILE A 52 -2.18 -8.22 -0.81
CA ILE A 52 -1.13 -7.62 -1.63
C ILE A 52 -0.14 -6.97 -0.66
N GLN A 53 1.14 -6.94 -0.97
CA GLN A 53 2.15 -6.22 -0.19
C GLN A 53 2.73 -5.09 -1.01
N ILE A 54 3.74 -4.40 -0.49
CA ILE A 54 4.48 -3.37 -1.21
C ILE A 54 5.75 -4.04 -1.72
N VAL A 55 5.97 -3.95 -3.03
CA VAL A 55 7.13 -4.53 -3.69
C VAL A 55 8.32 -3.68 -3.29
N LYS A 56 8.15 -2.36 -3.35
CA LYS A 56 9.20 -1.38 -3.11
C LYS A 56 8.54 -0.02 -2.94
N ASP A 57 9.28 0.93 -2.36
CA ASP A 57 8.82 2.29 -2.23
C ASP A 57 8.91 2.99 -3.58
N GLY A 58 8.24 4.13 -3.67
CA GLY A 58 8.14 4.93 -4.87
C GLY A 58 7.24 4.28 -5.90
N GLU A 59 7.11 4.90 -7.07
CA GLU A 59 6.37 4.27 -8.15
C GLU A 59 7.07 2.97 -8.55
N CYS A 60 6.39 2.14 -9.34
CA CYS A 60 7.00 0.93 -9.86
C CYS A 60 8.14 1.33 -10.79
N GLU A 1 7.97 -15.43 7.40
CA GLU A 1 8.29 -14.20 6.67
C GLU A 1 9.65 -14.35 6.01
N LYS A 2 9.97 -15.53 5.48
CA LYS A 2 11.35 -15.92 5.21
C LYS A 2 11.86 -15.40 3.87
N GLN A 3 11.65 -14.12 3.56
CA GLN A 3 12.21 -13.46 2.41
C GLN A 3 12.39 -11.98 2.74
N VAL A 4 13.62 -11.47 2.65
CA VAL A 4 13.89 -10.06 2.86
C VAL A 4 13.49 -9.33 1.57
N PHE A 5 12.19 -9.16 1.35
CA PHE A 5 11.65 -8.36 0.24
C PHE A 5 10.39 -7.63 0.69
N SER A 6 9.29 -8.38 0.87
CA SER A 6 7.98 -7.78 1.11
C SER A 6 7.91 -7.21 2.54
N ARG A 7 6.85 -6.48 2.85
CA ARG A 7 6.71 -5.80 4.13
C ARG A 7 5.23 -5.58 4.41
N MET A 8 4.63 -6.55 5.10
CA MET A 8 3.18 -6.66 5.31
C MET A 8 2.61 -5.30 5.68
N PRO A 9 1.88 -4.62 4.79
CA PRO A 9 1.61 -3.20 4.99
C PRO A 9 0.83 -2.98 6.28
N ILE A 10 1.45 -2.28 7.21
CA ILE A 10 0.87 -1.95 8.51
C ILE A 10 0.11 -0.65 8.24
N CYS A 11 -1.11 -0.80 7.75
CA CYS A 11 -1.97 0.33 7.44
C CYS A 11 -2.56 0.86 8.73
N GLU A 12 -1.71 1.54 9.49
CA GLU A 12 -2.05 2.39 10.60
C GLU A 12 -1.15 3.61 10.50
N HIS A 13 -1.58 4.69 11.16
CA HIS A 13 -0.81 5.91 11.29
C HIS A 13 -0.59 6.17 12.77
N MET A 14 0.31 7.10 13.09
CA MET A 14 0.41 7.63 14.43
C MET A 14 -0.93 8.26 14.81
N THR A 15 -1.17 8.43 16.11
CA THR A 15 -2.30 9.20 16.61
C THR A 15 -2.21 10.61 16.01
N GLU A 16 -1.13 11.30 16.33
CA GLU A 16 -0.72 12.53 15.69
C GLU A 16 -0.39 12.27 14.22
N SER A 17 -1.40 12.23 13.35
CA SER A 17 -1.20 12.07 11.92
C SER A 17 -2.38 12.66 11.17
N PRO A 18 -2.18 13.20 9.96
CA PRO A 18 -3.26 13.38 9.02
C PRO A 18 -3.90 12.03 8.68
N ASP A 19 -5.11 12.10 8.14
CA ASP A 19 -5.93 10.95 7.76
C ASP A 19 -5.52 10.49 6.36
N CYS A 20 -6.37 9.74 5.67
CA CYS A 20 -6.23 9.49 4.23
C CYS A 20 -6.30 10.80 3.46
N SER A 21 -5.90 10.75 2.19
CA SER A 21 -5.97 11.84 1.23
C SER A 21 -5.02 13.00 1.54
N ARG A 22 -4.74 13.81 0.51
CA ARG A 22 -3.57 14.67 0.45
C ARG A 22 -2.30 13.94 0.90
N ILE A 23 -2.19 12.64 0.63
CA ILE A 23 -0.98 11.88 0.79
C ILE A 23 -0.39 11.61 -0.60
N TYR A 24 0.53 12.46 -1.05
CA TYR A 24 1.46 12.10 -2.10
C TYR A 24 2.65 11.47 -1.38
N ASP A 25 2.77 10.15 -1.43
CA ASP A 25 3.81 9.38 -0.75
C ASP A 25 3.90 7.99 -1.40
N PRO A 26 4.30 7.92 -2.68
CA PRO A 26 4.03 6.75 -3.51
C PRO A 26 4.76 5.49 -3.06
N VAL A 27 4.19 4.33 -3.40
CA VAL A 27 4.73 3.00 -3.15
C VAL A 27 4.25 2.07 -4.27
N CYS A 28 4.94 0.95 -4.53
CA CYS A 28 4.48 0.00 -5.56
C CYS A 28 3.82 -1.23 -4.95
N GLY A 29 2.59 -1.54 -5.38
CA GLY A 29 1.88 -2.73 -4.95
C GLY A 29 2.38 -3.98 -5.70
N THR A 30 2.30 -5.14 -5.07
CA THR A 30 2.64 -6.42 -5.68
C THR A 30 1.70 -6.80 -6.84
N ASP A 31 0.59 -6.08 -7.02
CA ASP A 31 -0.24 -6.26 -8.19
C ASP A 31 0.49 -5.66 -9.41
N GLY A 32 1.45 -4.79 -9.16
CA GLY A 32 2.35 -4.18 -10.12
C GLY A 32 1.99 -2.73 -10.39
N VAL A 33 1.02 -2.18 -9.66
CA VAL A 33 0.54 -0.83 -9.88
C VAL A 33 1.12 0.08 -8.80
N THR A 34 1.48 1.29 -9.20
CA THR A 34 1.97 2.30 -8.28
C THR A 34 0.75 2.87 -7.55
N TYR A 35 0.76 2.84 -6.23
CA TYR A 35 -0.24 3.48 -5.41
C TYR A 35 0.39 4.74 -4.82
N GLU A 36 -0.38 5.82 -4.79
CA GLU A 36 0.13 7.13 -4.42
C GLU A 36 0.43 7.24 -2.93
N SER A 37 -0.07 6.29 -2.13
CA SER A 37 0.18 6.25 -0.71
C SER A 37 -0.34 4.92 -0.15
N GLU A 38 0.18 4.52 1.01
CA GLU A 38 -0.21 3.35 1.74
C GLU A 38 -1.71 3.35 2.00
N CYS A 39 -2.30 4.55 2.18
CA CYS A 39 -3.74 4.76 2.21
C CYS A 39 -4.40 4.12 0.99
N LYS A 40 -4.10 4.62 -0.21
CA LYS A 40 -4.73 4.14 -1.44
C LYS A 40 -4.39 2.67 -1.68
N LEU A 41 -3.20 2.23 -1.29
CA LEU A 41 -2.86 0.82 -1.41
C LEU A 41 -3.83 0.01 -0.56
N CYS A 42 -3.99 0.32 0.74
CA CYS A 42 -5.00 -0.35 1.55
C CYS A 42 -6.42 -0.28 1.00
N LEU A 43 -6.83 0.91 0.58
CA LEU A 43 -8.11 1.07 -0.10
C LEU A 43 -8.23 0.01 -1.21
N ALA A 44 -7.23 -0.09 -2.08
CA ALA A 44 -7.23 -1.10 -3.12
C ALA A 44 -7.26 -2.52 -2.55
N ARG A 45 -6.49 -2.83 -1.50
CA ARG A 45 -6.53 -4.14 -0.85
C ARG A 45 -7.96 -4.52 -0.53
N ILE A 46 -8.67 -3.60 0.13
CA ILE A 46 -10.04 -3.77 0.55
C ILE A 46 -10.92 -3.98 -0.69
N GLU A 47 -10.87 -3.03 -1.63
CA GLU A 47 -11.66 -3.07 -2.85
C GLU A 47 -11.42 -4.35 -3.66
N ASN A 48 -10.21 -4.90 -3.59
CA ASN A 48 -9.82 -6.13 -4.27
C ASN A 48 -10.12 -7.37 -3.43
N LYS A 49 -10.28 -7.22 -2.12
CA LYS A 49 -10.15 -8.30 -1.15
C LYS A 49 -8.88 -9.11 -1.44
N GLN A 50 -7.74 -8.42 -1.53
CA GLN A 50 -6.45 -9.05 -1.81
C GLN A 50 -5.40 -8.54 -0.84
N ASP A 51 -4.36 -9.36 -0.63
CA ASP A 51 -3.19 -8.95 0.11
C ASP A 51 -2.22 -8.34 -0.89
N ILE A 52 -2.48 -7.08 -1.25
CA ILE A 52 -1.48 -6.27 -1.94
C ILE A 52 -0.40 -5.98 -0.89
N GLN A 53 0.83 -6.32 -1.20
CA GLN A 53 2.01 -6.01 -0.44
C GLN A 53 2.71 -4.85 -1.11
N ILE A 54 3.53 -4.12 -0.35
CA ILE A 54 4.41 -3.11 -0.91
C ILE A 54 5.65 -3.87 -1.35
N VAL A 55 6.01 -3.74 -2.63
CA VAL A 55 7.22 -4.34 -3.19
C VAL A 55 8.39 -3.55 -2.62
N LYS A 56 8.28 -2.22 -2.75
CA LYS A 56 9.24 -1.24 -2.30
C LYS A 56 8.61 0.12 -2.58
N ASP A 57 9.14 1.15 -1.93
CA ASP A 57 8.58 2.49 -1.94
C ASP A 57 8.63 3.11 -3.34
N GLY A 58 8.02 4.27 -3.48
CA GLY A 58 8.15 5.07 -4.67
C GLY A 58 7.41 4.45 -5.84
N GLU A 59 7.56 5.06 -7.02
CA GLU A 59 7.01 4.52 -8.24
C GLU A 59 7.74 3.21 -8.57
N CYS A 60 7.07 2.31 -9.29
CA CYS A 60 7.49 0.92 -9.33
C CYS A 60 8.89 0.71 -9.87
N GLU A 1 6.65 -19.57 4.39
CA GLU A 1 6.99 -18.18 4.70
C GLU A 1 8.36 -17.81 4.08
N LYS A 2 8.61 -18.20 2.82
CA LYS A 2 9.88 -17.96 2.17
C LYS A 2 10.01 -16.50 1.75
N GLN A 3 9.38 -16.13 0.64
CA GLN A 3 9.65 -14.87 -0.03
C GLN A 3 9.03 -13.72 0.76
N VAL A 4 9.83 -12.98 1.53
CA VAL A 4 9.45 -11.75 2.21
C VAL A 4 10.12 -10.57 1.53
N PHE A 5 10.02 -10.50 0.19
CA PHE A 5 10.60 -9.40 -0.53
C PHE A 5 9.80 -8.14 -0.23
N SER A 6 8.50 -8.19 -0.50
CA SER A 6 7.61 -7.09 -0.21
C SER A 6 7.40 -6.95 1.30
N ARG A 7 7.06 -5.75 1.78
CA ARG A 7 6.72 -5.46 3.16
C ARG A 7 5.19 -5.40 3.25
N MET A 8 4.59 -6.09 4.22
CA MET A 8 3.16 -5.93 4.47
C MET A 8 2.93 -4.55 5.10
N PRO A 9 1.92 -3.78 4.66
CA PRO A 9 1.62 -2.50 5.26
C PRO A 9 1.06 -2.70 6.68
N ILE A 10 1.25 -1.71 7.54
CA ILE A 10 0.58 -1.63 8.82
C ILE A 10 -0.81 -1.08 8.52
N CYS A 11 -1.70 -1.94 8.05
CA CYS A 11 -3.05 -1.59 7.68
C CYS A 11 -4.01 -2.55 8.37
N GLU A 12 -4.87 -2.05 9.25
CA GLU A 12 -5.93 -2.82 9.86
C GLU A 12 -7.08 -1.86 10.19
N HIS A 13 -8.32 -2.38 10.13
CA HIS A 13 -9.60 -1.67 10.22
C HIS A 13 -9.52 -0.14 10.20
N MET A 14 -9.55 0.50 11.36
CA MET A 14 -9.64 1.95 11.51
C MET A 14 -8.24 2.56 11.54
N THR A 15 -7.33 1.97 10.78
CA THR A 15 -5.95 2.37 10.62
C THR A 15 -5.39 1.76 9.32
N GLU A 16 -6.24 1.49 8.32
CA GLU A 16 -5.79 1.08 7.00
C GLU A 16 -5.22 2.29 6.25
N SER A 17 -4.09 2.79 6.74
CA SER A 17 -3.38 3.95 6.23
C SER A 17 -4.34 5.06 5.79
N PRO A 18 -5.02 5.77 6.71
CA PRO A 18 -5.87 6.88 6.34
C PRO A 18 -5.06 8.11 5.89
N ASP A 19 -4.06 7.94 5.02
CA ASP A 19 -3.24 9.00 4.45
C ASP A 19 -3.80 9.50 3.13
N CYS A 20 -5.11 9.31 2.94
CA CYS A 20 -5.84 9.95 1.88
C CYS A 20 -6.02 11.40 2.28
N SER A 21 -4.95 12.19 2.19
CA SER A 21 -4.96 13.60 2.49
C SER A 21 -4.15 14.31 1.41
N ARG A 22 -4.25 13.78 0.20
CA ARG A 22 -3.47 14.12 -0.97
C ARG A 22 -1.99 14.27 -0.64
N ILE A 23 -1.50 13.36 0.19
CA ILE A 23 -0.10 13.16 0.48
C ILE A 23 0.49 12.41 -0.72
N TYR A 24 1.72 12.74 -1.10
CA TYR A 24 2.48 12.03 -2.11
C TYR A 24 3.70 11.44 -1.42
N ASP A 25 3.62 10.17 -1.04
CA ASP A 25 4.74 9.37 -0.52
C ASP A 25 4.58 7.98 -1.13
N PRO A 26 4.94 7.80 -2.41
CA PRO A 26 4.46 6.68 -3.20
C PRO A 26 4.99 5.33 -2.75
N VAL A 27 4.26 4.26 -3.07
CA VAL A 27 4.64 2.87 -2.82
C VAL A 27 4.19 2.01 -4.00
N CYS A 28 4.91 0.92 -4.30
CA CYS A 28 4.54 -0.03 -5.34
C CYS A 28 3.81 -1.22 -4.72
N GLY A 29 2.54 -1.45 -5.05
CA GLY A 29 1.82 -2.63 -4.61
C GLY A 29 2.14 -3.83 -5.50
N THR A 30 2.12 -5.03 -4.93
CA THR A 30 2.37 -6.30 -5.63
C THR A 30 1.39 -6.55 -6.79
N ASP A 31 0.25 -5.86 -6.80
CA ASP A 31 -0.70 -5.96 -7.89
C ASP A 31 -0.19 -5.24 -9.14
N GLY A 32 0.87 -4.44 -9.00
CA GLY A 32 1.52 -3.75 -10.10
C GLY A 32 0.88 -2.39 -10.32
N VAL A 33 0.60 -1.68 -9.25
CA VAL A 33 0.17 -0.30 -9.28
C VAL A 33 1.03 0.46 -8.27
N THR A 34 1.50 1.65 -8.66
CA THR A 34 2.12 2.59 -7.76
C THR A 34 1.00 3.43 -7.17
N TYR A 35 0.83 3.37 -5.85
CA TYR A 35 -0.14 4.17 -5.13
C TYR A 35 0.60 5.38 -4.58
N GLU A 36 0.03 6.57 -4.77
CA GLU A 36 0.61 7.84 -4.36
C GLU A 36 0.83 7.87 -2.84
N SER A 37 0.00 7.17 -2.08
CA SER A 37 0.16 7.00 -0.65
C SER A 37 -0.53 5.68 -0.30
N GLU A 38 -0.16 5.04 0.81
CA GLU A 38 -0.67 3.73 1.19
C GLU A 38 -2.20 3.69 1.22
N CYS A 39 -2.89 4.80 1.50
CA CYS A 39 -4.34 4.84 1.57
C CYS A 39 -4.97 4.10 0.41
N LYS A 40 -4.57 4.45 -0.81
CA LYS A 40 -5.18 3.89 -2.00
C LYS A 40 -4.75 2.44 -2.20
N LEU A 41 -3.55 2.07 -1.74
CA LEU A 41 -3.11 0.68 -1.73
C LEU A 41 -4.05 -0.12 -0.84
N CYS A 42 -4.22 0.30 0.41
CA CYS A 42 -5.01 -0.46 1.37
C CYS A 42 -6.49 -0.44 1.00
N LEU A 43 -6.98 0.68 0.47
CA LEU A 43 -8.27 0.71 -0.21
C LEU A 43 -8.31 -0.41 -1.26
N ALA A 44 -7.30 -0.50 -2.13
CA ALA A 44 -7.24 -1.56 -3.12
C ALA A 44 -7.25 -2.95 -2.44
N ARG A 45 -6.60 -3.11 -1.28
CA ARG A 45 -6.71 -4.34 -0.52
C ARG A 45 -8.18 -4.63 -0.18
N ILE A 46 -9.01 -3.64 0.17
CA ILE A 46 -10.42 -3.88 0.39
C ILE A 46 -11.06 -4.30 -0.93
N GLU A 47 -10.93 -3.45 -1.96
CA GLU A 47 -11.53 -3.62 -3.25
C GLU A 47 -11.28 -5.03 -3.78
N ASN A 48 -10.03 -5.47 -3.64
CA ASN A 48 -9.50 -6.69 -4.23
C ASN A 48 -9.69 -7.89 -3.30
N LYS A 49 -9.66 -7.66 -1.98
CA LYS A 49 -9.45 -8.69 -0.97
C LYS A 49 -8.26 -9.59 -1.30
N GLN A 50 -7.19 -9.02 -1.87
CA GLN A 50 -5.91 -9.68 -1.98
C GLN A 50 -4.93 -8.91 -1.11
N ASP A 51 -3.94 -9.57 -0.53
CA ASP A 51 -3.08 -8.95 0.45
C ASP A 51 -2.01 -8.20 -0.36
N ILE A 52 -2.33 -7.00 -0.81
CA ILE A 52 -1.40 -6.22 -1.60
C ILE A 52 -0.25 -5.86 -0.68
N GLN A 53 0.91 -6.47 -0.92
CA GLN A 53 2.14 -6.21 -0.19
C GLN A 53 2.86 -5.12 -0.97
N ILE A 54 3.64 -4.31 -0.28
CA ILE A 54 4.41 -3.25 -0.91
C ILE A 54 5.71 -3.86 -1.39
N VAL A 55 5.98 -3.85 -2.69
CA VAL A 55 7.18 -4.45 -3.26
C VAL A 55 8.38 -3.59 -2.89
N LYS A 56 8.18 -2.27 -2.90
CA LYS A 56 9.10 -1.33 -2.31
C LYS A 56 8.44 0.04 -2.20
N ASP A 57 9.10 0.91 -1.45
CA ASP A 57 8.82 2.33 -1.45
C ASP A 57 9.07 2.95 -2.82
N GLY A 58 8.26 3.95 -3.14
CA GLY A 58 8.27 4.64 -4.41
C GLY A 58 7.71 3.74 -5.51
N GLU A 59 7.93 4.15 -6.75
CA GLU A 59 7.20 3.60 -7.88
C GLU A 59 7.73 2.19 -8.20
N CYS A 60 6.93 1.44 -8.96
CA CYS A 60 7.24 0.05 -9.29
C CYS A 60 8.43 -0.03 -10.25
N GLU A 1 17.86 -11.92 -2.98
CA GLU A 1 17.15 -10.86 -2.25
C GLU A 1 15.94 -10.43 -3.08
N LYS A 2 16.19 -10.12 -4.34
CA LYS A 2 15.18 -9.79 -5.32
C LYS A 2 14.22 -10.96 -5.51
N GLN A 3 13.11 -10.69 -6.18
CA GLN A 3 11.96 -11.57 -6.34
C GLN A 3 11.16 -11.66 -5.03
N VAL A 4 11.80 -12.03 -3.92
CA VAL A 4 11.16 -12.35 -2.66
C VAL A 4 11.48 -11.30 -1.58
N PHE A 5 10.83 -10.14 -1.61
CA PHE A 5 11.10 -9.07 -0.66
C PHE A 5 9.87 -8.20 -0.38
N SER A 6 8.67 -8.75 -0.58
CA SER A 6 7.44 -8.01 -0.32
C SER A 6 7.22 -7.83 1.19
N ARG A 7 6.28 -6.97 1.60
CA ARG A 7 5.94 -6.72 3.00
C ARG A 7 4.51 -6.17 3.08
N MET A 8 3.75 -6.51 4.11
CA MET A 8 2.36 -6.07 4.18
C MET A 8 2.27 -4.61 4.58
N PRO A 9 1.44 -3.78 3.91
CA PRO A 9 0.99 -2.54 4.52
C PRO A 9 0.17 -2.89 5.75
N ILE A 10 0.24 -2.07 6.79
CA ILE A 10 -0.35 -2.31 8.09
C ILE A 10 -1.57 -1.39 8.22
N CYS A 11 -2.68 -1.81 7.59
CA CYS A 11 -3.82 -0.93 7.38
C CYS A 11 -4.52 -0.67 8.70
N GLU A 12 -5.43 0.30 8.74
CA GLU A 12 -6.05 0.91 9.90
C GLU A 12 -5.10 1.74 10.79
N HIS A 13 -3.78 1.55 10.73
CA HIS A 13 -2.88 2.29 11.63
C HIS A 13 -2.54 3.69 11.11
N MET A 14 -2.35 3.89 9.80
CA MET A 14 -1.93 5.15 9.21
C MET A 14 -3.14 6.09 8.98
N THR A 15 -3.08 6.94 7.96
CA THR A 15 -4.19 7.75 7.49
C THR A 15 -5.23 6.83 6.84
N GLU A 16 -5.97 6.11 7.68
CA GLU A 16 -6.84 5.02 7.29
C GLU A 16 -8.27 5.34 7.75
N SER A 17 -8.81 6.48 7.33
CA SER A 17 -10.12 6.95 7.76
C SER A 17 -10.50 8.27 7.09
N PRO A 18 -9.76 9.38 7.29
CA PRO A 18 -10.00 10.60 6.54
C PRO A 18 -9.68 10.37 5.07
N ASP A 19 -10.09 11.31 4.21
CA ASP A 19 -9.61 11.31 2.84
C ASP A 19 -8.10 11.60 2.84
N CYS A 20 -7.43 11.07 1.82
CA CYS A 20 -5.98 11.10 1.67
C CYS A 20 -5.57 12.09 0.59
N SER A 21 -6.39 13.11 0.31
CA SER A 21 -6.21 14.00 -0.82
C SER A 21 -4.80 14.58 -0.84
N ARG A 22 -4.07 14.30 -1.91
CA ARG A 22 -2.74 14.81 -2.19
C ARG A 22 -1.72 14.56 -1.08
N ILE A 23 -1.97 13.60 -0.18
CA ILE A 23 -0.91 13.08 0.65
C ILE A 23 -0.09 12.19 -0.28
N TYR A 24 0.89 12.77 -0.99
CA TYR A 24 1.71 12.00 -1.90
C TYR A 24 2.59 11.11 -1.04
N ASP A 25 2.41 9.79 -1.17
CA ASP A 25 3.15 8.82 -0.38
C ASP A 25 3.27 7.53 -1.19
N PRO A 26 3.88 7.59 -2.38
CA PRO A 26 3.74 6.51 -3.33
C PRO A 26 4.46 5.25 -2.85
N VAL A 27 3.91 4.10 -3.21
CA VAL A 27 4.47 2.79 -2.94
C VAL A 27 4.11 1.86 -4.10
N CYS A 28 4.99 0.92 -4.44
CA CYS A 28 4.78 -0.02 -5.54
C CYS A 28 4.20 -1.33 -5.01
N GLY A 29 2.99 -1.68 -5.43
CA GLY A 29 2.31 -2.88 -4.99
C GLY A 29 2.84 -4.13 -5.69
N THR A 30 2.68 -5.31 -5.10
CA THR A 30 3.03 -6.58 -5.72
C THR A 30 2.20 -6.88 -6.98
N ASP A 31 1.11 -6.14 -7.21
CA ASP A 31 0.37 -6.20 -8.45
C ASP A 31 1.16 -5.49 -9.56
N GLY A 32 2.26 -4.82 -9.21
CA GLY A 32 3.16 -4.17 -10.15
C GLY A 32 2.64 -2.81 -10.54
N VAL A 33 1.70 -2.22 -9.79
CA VAL A 33 1.20 -0.88 -10.01
C VAL A 33 1.68 -0.02 -8.84
N THR A 34 2.08 1.22 -9.11
CA THR A 34 2.31 2.19 -8.05
C THR A 34 0.98 2.84 -7.68
N TYR A 35 0.74 2.95 -6.38
CA TYR A 35 -0.38 3.70 -5.84
C TYR A 35 0.22 5.01 -5.34
N GLU A 36 -0.39 6.16 -5.65
CA GLU A 36 0.07 7.49 -5.27
C GLU A 36 0.16 7.66 -3.76
N SER A 37 -0.48 6.78 -3.00
CA SER A 37 -0.46 6.80 -1.55
C SER A 37 -0.63 5.36 -1.09
N GLU A 38 0.15 4.95 -0.09
CA GLU A 38 -0.04 3.70 0.61
C GLU A 38 -1.48 3.66 1.14
N CYS A 39 -2.04 4.81 1.50
CA CYS A 39 -3.46 4.92 1.85
C CYS A 39 -4.33 4.31 0.76
N LYS A 40 -4.24 4.80 -0.47
CA LYS A 40 -5.03 4.22 -1.54
C LYS A 40 -4.67 2.75 -1.79
N LEU A 41 -3.43 2.34 -1.54
CA LEU A 41 -3.07 0.94 -1.60
C LEU A 41 -3.90 0.15 -0.58
N CYS A 42 -3.97 0.60 0.66
CA CYS A 42 -4.68 -0.05 1.76
C CYS A 42 -6.18 -0.06 1.50
N LEU A 43 -6.73 1.08 1.11
CA LEU A 43 -8.10 1.22 0.64
C LEU A 43 -8.38 0.12 -0.38
N ALA A 44 -7.56 0.05 -1.43
CA ALA A 44 -7.74 -0.94 -2.50
C ALA A 44 -7.67 -2.35 -1.93
N ARG A 45 -6.75 -2.63 -1.00
CA ARG A 45 -6.75 -3.87 -0.21
C ARG A 45 -8.14 -4.19 0.29
N ILE A 46 -8.81 -3.26 0.94
CA ILE A 46 -10.09 -3.54 1.56
C ILE A 46 -11.16 -3.77 0.50
N GLU A 47 -11.15 -2.96 -0.56
CA GLU A 47 -12.05 -3.13 -1.68
C GLU A 47 -11.87 -4.54 -2.28
N ASN A 48 -10.62 -4.93 -2.50
CA ASN A 48 -10.27 -6.14 -3.24
C ASN A 48 -10.35 -7.39 -2.36
N LYS A 49 -9.90 -7.25 -1.13
CA LYS A 49 -9.45 -8.32 -0.26
C LYS A 49 -8.44 -9.22 -0.98
N GLN A 50 -7.37 -8.61 -1.49
CA GLN A 50 -6.19 -9.32 -1.97
C GLN A 50 -4.99 -8.74 -1.22
N ASP A 51 -4.11 -9.60 -0.69
CA ASP A 51 -2.92 -9.18 0.06
C ASP A 51 -1.84 -8.72 -0.92
N ILE A 52 -2.11 -7.61 -1.59
CA ILE A 52 -1.08 -6.87 -2.29
C ILE A 52 -0.16 -6.31 -1.22
N GLN A 53 1.13 -6.56 -1.36
CA GLN A 53 2.15 -6.07 -0.46
C GLN A 53 2.92 -4.95 -1.13
N ILE A 54 3.62 -4.17 -0.32
CA ILE A 54 4.57 -3.19 -0.82
C ILE A 54 5.79 -3.99 -1.29
N VAL A 55 6.12 -3.89 -2.57
CA VAL A 55 7.36 -4.39 -3.12
C VAL A 55 8.48 -3.48 -2.61
N LYS A 56 8.32 -2.19 -2.86
CA LYS A 56 9.26 -1.17 -2.45
C LYS A 56 8.49 0.14 -2.32
N ASP A 57 9.02 1.03 -1.49
CA ASP A 57 8.52 2.36 -1.28
C ASP A 57 8.75 3.14 -2.56
N GLY A 58 7.92 4.13 -2.85
CA GLY A 58 8.09 4.99 -4.00
C GLY A 58 7.69 4.28 -5.30
N GLU A 59 7.70 5.05 -6.38
CA GLU A 59 7.44 4.57 -7.73
C GLU A 59 8.47 3.49 -8.06
N CYS A 60 8.03 2.48 -8.81
CA CYS A 60 8.69 1.18 -8.87
C CYS A 60 10.08 1.21 -9.50
N GLU A 1 19.98 -10.82 1.84
CA GLU A 1 18.56 -10.47 1.81
C GLU A 1 18.40 -8.97 1.50
N LYS A 2 18.74 -8.10 2.44
CA LYS A 2 18.35 -6.70 2.60
C LYS A 2 17.22 -6.68 3.64
N GLN A 3 16.53 -5.55 3.85
CA GLN A 3 15.26 -5.57 4.56
C GLN A 3 14.35 -6.62 3.92
N VAL A 4 13.41 -7.19 4.66
CA VAL A 4 12.51 -8.18 4.10
C VAL A 4 11.88 -7.64 2.81
N PHE A 5 12.16 -8.33 1.70
CA PHE A 5 11.94 -7.88 0.34
C PHE A 5 10.68 -7.04 0.21
N SER A 6 9.52 -7.56 0.60
CA SER A 6 8.26 -6.84 0.56
C SER A 6 7.86 -6.42 1.98
N ARG A 7 7.06 -5.35 2.07
CA ARG A 7 6.77 -4.65 3.31
C ARG A 7 5.26 -4.76 3.54
N MET A 8 4.78 -5.82 4.18
CA MET A 8 3.35 -5.99 4.42
C MET A 8 2.88 -4.87 5.37
N PRO A 9 1.92 -4.01 4.97
CA PRO A 9 1.54 -2.85 5.75
C PRO A 9 0.64 -3.24 6.92
N ILE A 10 0.33 -2.25 7.75
CA ILE A 10 -0.68 -2.30 8.80
C ILE A 10 -1.60 -1.11 8.53
N CYS A 11 -2.92 -1.31 8.52
CA CYS A 11 -3.85 -0.25 8.14
C CYS A 11 -5.14 -0.36 8.93
N GLU A 12 -5.21 0.40 10.03
CA GLU A 12 -6.38 0.49 10.88
C GLU A 12 -7.51 1.27 10.20
N HIS A 13 -7.19 2.05 9.16
CA HIS A 13 -8.17 2.69 8.29
C HIS A 13 -8.86 1.61 7.43
N MET A 14 -9.63 0.72 8.07
CA MET A 14 -10.52 -0.21 7.41
C MET A 14 -11.82 0.51 7.04
N THR A 15 -12.18 1.54 7.81
CA THR A 15 -13.24 2.46 7.49
C THR A 15 -12.88 3.15 6.18
N GLU A 16 -13.52 2.74 5.08
CA GLU A 16 -13.01 2.94 3.74
C GLU A 16 -12.67 4.39 3.39
N SER A 17 -13.48 5.37 3.83
CA SER A 17 -13.28 6.82 3.68
C SER A 17 -12.12 7.18 2.72
N PRO A 18 -12.38 7.29 1.41
CA PRO A 18 -11.35 7.17 0.38
C PRO A 18 -10.23 8.21 0.49
N ASP A 19 -10.56 9.50 0.62
CA ASP A 19 -9.51 10.47 0.88
C ASP A 19 -9.10 10.35 2.34
N CYS A 20 -8.18 9.43 2.62
CA CYS A 20 -7.69 9.21 3.97
C CYS A 20 -7.04 10.49 4.45
N SER A 21 -6.14 10.99 3.62
CA SER A 21 -5.39 12.23 3.74
C SER A 21 -4.77 12.50 2.36
N ARG A 22 -4.41 13.74 2.05
CA ARG A 22 -3.86 14.09 0.74
C ARG A 22 -2.42 13.61 0.50
N ILE A 23 -1.89 12.85 1.45
CA ILE A 23 -0.46 12.61 1.60
C ILE A 23 0.05 11.86 0.37
N TYR A 24 1.18 12.31 -0.17
CA TYR A 24 1.94 11.61 -1.19
C TYR A 24 3.03 10.81 -0.47
N ASP A 25 2.98 9.50 -0.54
CA ASP A 25 4.01 8.60 -0.02
C ASP A 25 4.04 7.36 -0.93
N PRO A 26 4.49 7.52 -2.17
CA PRO A 26 4.22 6.54 -3.20
C PRO A 26 4.93 5.23 -2.90
N VAL A 27 4.29 4.13 -3.26
CA VAL A 27 4.73 2.76 -3.06
C VAL A 27 4.22 1.97 -4.26
N CYS A 28 4.85 0.84 -4.61
CA CYS A 28 4.33 -0.10 -5.60
C CYS A 28 3.84 -1.39 -4.97
N GLY A 29 2.64 -1.82 -5.35
CA GLY A 29 2.02 -3.01 -4.83
C GLY A 29 2.50 -4.23 -5.60
N THR A 30 2.30 -5.42 -5.03
CA THR A 30 2.56 -6.68 -5.71
C THR A 30 1.62 -6.90 -6.89
N ASP A 31 0.55 -6.11 -7.00
CA ASP A 31 -0.29 -6.08 -8.19
C ASP A 31 0.46 -5.34 -9.31
N GLY A 32 1.47 -4.55 -8.98
CA GLY A 32 2.31 -3.82 -9.91
C GLY A 32 1.87 -2.36 -10.05
N VAL A 33 0.94 -1.89 -9.21
CA VAL A 33 0.43 -0.53 -9.32
C VAL A 33 1.18 0.38 -8.35
N THR A 34 1.69 1.48 -8.88
CA THR A 34 2.12 2.63 -8.09
C THR A 34 0.84 3.28 -7.55
N TYR A 35 0.65 3.23 -6.23
CA TYR A 35 -0.39 3.97 -5.53
C TYR A 35 0.28 5.20 -4.92
N GLU A 36 -0.38 6.36 -4.92
CA GLU A 36 0.20 7.60 -4.42
C GLU A 36 0.64 7.45 -2.97
N SER A 37 -0.07 6.61 -2.23
CA SER A 37 0.09 6.50 -0.81
C SER A 37 -0.42 5.14 -0.40
N GLU A 38 0.09 4.73 0.76
CA GLU A 38 -0.46 3.73 1.63
C GLU A 38 -1.99 3.84 1.69
N CYS A 39 -2.53 5.06 1.62
CA CYS A 39 -3.97 5.29 1.61
C CYS A 39 -4.63 4.47 0.49
N LYS A 40 -4.32 4.82 -0.77
CA LYS A 40 -4.88 4.12 -1.91
C LYS A 40 -4.47 2.66 -1.94
N LEU A 41 -3.27 2.30 -1.47
CA LEU A 41 -2.91 0.89 -1.42
C LEU A 41 -3.89 0.17 -0.51
N CYS A 42 -4.05 0.66 0.71
CA CYS A 42 -4.84 0.02 1.73
C CYS A 42 -6.30 -0.06 1.30
N LEU A 43 -6.79 0.98 0.64
CA LEU A 43 -8.02 0.89 -0.13
C LEU A 43 -7.96 -0.28 -1.10
N ALA A 44 -6.99 -0.29 -2.01
CA ALA A 44 -6.94 -1.26 -3.11
C ALA A 44 -7.00 -2.69 -2.59
N ARG A 45 -6.27 -3.03 -1.53
CA ARG A 45 -6.33 -4.38 -0.96
C ARG A 45 -7.75 -4.73 -0.48
N ILE A 46 -8.47 -3.76 0.09
CA ILE A 46 -9.87 -3.93 0.51
C ILE A 46 -10.77 -4.08 -0.73
N GLU A 47 -10.66 -3.16 -1.69
CA GLU A 47 -11.40 -3.19 -2.94
C GLU A 47 -11.25 -4.56 -3.60
N ASN A 48 -10.00 -5.01 -3.69
CA ASN A 48 -9.61 -6.25 -4.32
C ASN A 48 -10.10 -7.43 -3.50
N LYS A 49 -10.04 -7.28 -2.18
CA LYS A 49 -10.04 -8.39 -1.25
C LYS A 49 -8.88 -9.32 -1.61
N GLN A 50 -7.73 -8.72 -1.91
CA GLN A 50 -6.46 -9.40 -2.07
C GLN A 50 -5.51 -8.72 -1.09
N ASP A 51 -4.78 -9.50 -0.32
CA ASP A 51 -3.86 -8.96 0.66
C ASP A 51 -2.60 -8.52 -0.07
N ILE A 52 -2.54 -7.26 -0.49
CA ILE A 52 -1.42 -6.75 -1.28
C ILE A 52 -0.13 -6.86 -0.44
N GLN A 53 1.04 -6.73 -1.06
CA GLN A 53 2.28 -6.38 -0.36
C GLN A 53 2.82 -5.16 -1.09
N ILE A 54 3.47 -4.28 -0.34
CA ILE A 54 4.32 -3.27 -0.93
C ILE A 54 5.56 -4.04 -1.38
N VAL A 55 5.88 -4.00 -2.67
CA VAL A 55 7.15 -4.53 -3.14
C VAL A 55 8.21 -3.54 -2.68
N LYS A 56 8.02 -2.27 -2.98
CA LYS A 56 9.06 -1.27 -2.81
C LYS A 56 8.45 0.12 -2.74
N ASP A 57 9.21 1.00 -2.10
CA ASP A 57 8.99 2.42 -2.02
C ASP A 57 8.99 3.01 -3.42
N GLY A 58 8.07 3.91 -3.69
CA GLY A 58 8.05 4.76 -4.86
C GLY A 58 7.61 4.03 -6.12
N GLU A 59 7.80 4.70 -7.26
CA GLU A 59 7.25 4.27 -8.53
C GLU A 59 7.82 2.91 -8.91
N CYS A 60 6.99 2.09 -9.55
CA CYS A 60 7.18 0.65 -9.61
C CYS A 60 8.47 0.17 -10.24
N GLU A 1 9.04 -11.21 3.56
CA GLU A 1 8.26 -12.36 3.96
C GLU A 1 8.40 -13.44 2.90
N LYS A 2 8.98 -14.59 3.27
CA LYS A 2 8.85 -15.87 2.59
C LYS A 2 9.33 -15.83 1.14
N GLN A 3 8.56 -15.23 0.25
CA GLN A 3 8.90 -15.04 -1.15
C GLN A 3 9.86 -13.88 -1.33
N VAL A 4 9.55 -12.71 -0.75
CA VAL A 4 10.23 -11.46 -1.03
C VAL A 4 10.07 -10.57 0.19
N PHE A 5 11.00 -9.64 0.45
CA PHE A 5 10.87 -8.75 1.60
C PHE A 5 9.93 -7.59 1.26
N SER A 6 8.73 -7.89 0.77
CA SER A 6 7.67 -6.93 0.83
C SER A 6 7.34 -6.71 2.31
N ARG A 7 6.83 -5.52 2.65
CA ARG A 7 6.47 -5.20 4.02
C ARG A 7 4.94 -5.14 4.09
N MET A 8 4.30 -5.96 4.93
CA MET A 8 2.86 -5.88 5.13
C MET A 8 2.47 -4.45 5.52
N PRO A 9 1.67 -3.74 4.71
CA PRO A 9 1.37 -2.35 4.99
C PRO A 9 0.53 -2.26 6.26
N ILE A 10 0.76 -1.22 7.06
CA ILE A 10 -0.09 -0.90 8.20
C ILE A 10 -1.37 -0.30 7.63
N CYS A 11 -2.46 -1.06 7.66
CA CYS A 11 -3.77 -0.63 7.19
C CYS A 11 -4.65 -0.36 8.39
N GLU A 12 -5.84 0.22 8.19
CA GLU A 12 -6.72 0.67 9.27
C GLU A 12 -7.30 -0.46 10.14
N HIS A 13 -6.77 -1.67 10.06
CA HIS A 13 -7.31 -2.83 10.74
C HIS A 13 -7.07 -2.71 12.25
N MET A 14 -5.94 -2.18 12.67
CA MET A 14 -5.72 -1.78 14.04
C MET A 14 -6.50 -0.50 14.31
N THR A 15 -6.62 -0.15 15.58
CA THR A 15 -7.51 0.89 16.03
C THR A 15 -6.96 2.31 15.74
N GLU A 16 -5.64 2.50 15.69
CA GLU A 16 -5.09 3.79 15.28
C GLU A 16 -5.33 3.99 13.78
N SER A 17 -5.10 5.20 13.31
CA SER A 17 -4.98 5.47 11.88
C SER A 17 -3.89 4.56 11.29
N PRO A 18 -3.97 4.23 9.99
CA PRO A 18 -2.82 3.78 9.24
C PRO A 18 -1.97 5.01 8.96
N ASP A 19 -1.89 5.42 7.69
CA ASP A 19 -1.20 6.61 7.21
C ASP A 19 -2.07 7.24 6.14
N CYS A 20 -3.30 7.59 6.52
CA CYS A 20 -4.25 8.26 5.65
C CYS A 20 -4.20 9.74 5.96
N SER A 21 -3.74 10.54 4.99
CA SER A 21 -3.82 11.98 4.96
C SER A 21 -3.55 12.35 3.50
N ARG A 22 -3.43 13.64 3.16
CA ARG A 22 -3.24 14.09 1.78
C ARG A 22 -1.82 13.80 1.24
N ILE A 23 -1.04 12.97 1.92
CA ILE A 23 0.38 12.82 1.72
C ILE A 23 0.65 11.95 0.49
N TYR A 24 1.22 12.53 -0.57
CA TYR A 24 1.83 11.78 -1.64
C TYR A 24 3.12 11.16 -1.10
N ASP A 25 3.20 9.82 -1.11
CA ASP A 25 4.43 9.07 -0.88
C ASP A 25 4.29 7.73 -1.58
N PRO A 26 4.58 7.65 -2.89
CA PRO A 26 4.13 6.52 -3.68
C PRO A 26 4.86 5.23 -3.28
N VAL A 27 4.27 4.11 -3.65
CA VAL A 27 4.78 2.77 -3.36
C VAL A 27 4.34 1.82 -4.48
N CYS A 28 5.07 0.75 -4.72
CA CYS A 28 4.75 -0.22 -5.76
C CYS A 28 4.17 -1.52 -5.18
N GLY A 29 2.96 -1.91 -5.57
CA GLY A 29 2.27 -3.07 -5.05
C GLY A 29 2.72 -4.38 -5.70
N THR A 30 2.51 -5.51 -5.03
CA THR A 30 2.72 -6.84 -5.58
C THR A 30 1.74 -7.14 -6.73
N ASP A 31 0.62 -6.41 -6.81
CA ASP A 31 -0.29 -6.42 -7.95
C ASP A 31 0.28 -5.59 -9.11
N GLY A 32 1.45 -4.99 -8.92
CA GLY A 32 2.14 -4.23 -9.94
C GLY A 32 1.58 -2.82 -10.11
N VAL A 33 0.59 -2.39 -9.32
CA VAL A 33 0.09 -1.03 -9.42
C VAL A 33 0.96 -0.12 -8.55
N THR A 34 1.30 1.06 -9.07
CA THR A 34 1.96 2.09 -8.30
C THR A 34 0.91 2.92 -7.57
N TYR A 35 0.79 2.76 -6.25
CA TYR A 35 -0.14 3.53 -5.43
C TYR A 35 0.52 4.83 -4.99
N GLU A 36 -0.28 5.84 -4.68
CA GLU A 36 0.20 7.14 -4.21
C GLU A 36 0.64 7.08 -2.74
N SER A 37 0.12 6.13 -1.97
CA SER A 37 0.64 5.78 -0.64
C SER A 37 -0.16 4.60 -0.09
N GLU A 38 0.28 4.08 1.06
CA GLU A 38 -0.42 3.07 1.84
C GLU A 38 -1.91 3.31 1.92
N CYS A 39 -2.37 4.54 2.10
CA CYS A 39 -3.79 4.76 2.35
C CYS A 39 -4.65 4.17 1.25
N LYS A 40 -4.37 4.59 0.01
CA LYS A 40 -5.08 4.13 -1.17
C LYS A 40 -4.68 2.69 -1.49
N LEU A 41 -3.43 2.29 -1.23
CA LEU A 41 -3.07 0.89 -1.44
C LEU A 41 -3.98 0.02 -0.59
N CYS A 42 -4.06 0.31 0.71
CA CYS A 42 -4.80 -0.43 1.72
C CYS A 42 -6.26 -0.49 1.34
N LEU A 43 -6.82 0.67 1.03
CA LEU A 43 -8.17 0.76 0.48
C LEU A 43 -8.34 -0.24 -0.64
N ALA A 44 -7.54 -0.10 -1.70
CA ALA A 44 -7.72 -0.91 -2.88
C ALA A 44 -7.57 -2.38 -2.57
N ARG A 45 -6.58 -2.78 -1.79
CA ARG A 45 -6.39 -4.19 -1.50
C ARG A 45 -7.59 -4.74 -0.72
N ILE A 46 -8.15 -3.96 0.21
CA ILE A 46 -9.27 -4.47 0.96
C ILE A 46 -10.48 -4.55 0.03
N GLU A 47 -10.76 -3.50 -0.75
CA GLU A 47 -11.94 -3.51 -1.61
C GLU A 47 -11.83 -4.65 -2.63
N ASN A 48 -10.71 -4.69 -3.36
CA ASN A 48 -10.48 -5.68 -4.41
C ASN A 48 -10.29 -7.07 -3.81
N LYS A 49 -10.13 -7.19 -2.49
CA LYS A 49 -9.88 -8.46 -1.82
C LYS A 49 -8.70 -9.17 -2.45
N GLN A 50 -7.56 -8.49 -2.48
CA GLN A 50 -6.28 -9.12 -2.77
C GLN A 50 -5.33 -8.66 -1.67
N ASP A 51 -4.34 -9.47 -1.30
CA ASP A 51 -3.38 -9.11 -0.26
C ASP A 51 -2.23 -8.33 -0.90
N ILE A 52 -2.49 -7.10 -1.33
CA ILE A 52 -1.43 -6.33 -1.98
C ILE A 52 -0.42 -5.98 -0.90
N GLN A 53 0.86 -6.22 -1.17
CA GLN A 53 1.96 -5.82 -0.32
C GLN A 53 2.83 -4.87 -1.11
N ILE A 54 3.54 -3.99 -0.40
CA ILE A 54 4.49 -3.09 -1.02
C ILE A 54 5.73 -3.89 -1.33
N VAL A 55 6.11 -3.93 -2.61
CA VAL A 55 7.36 -4.50 -3.06
C VAL A 55 8.48 -3.56 -2.64
N LYS A 56 8.35 -2.27 -2.94
CA LYS A 56 9.32 -1.26 -2.54
C LYS A 56 8.70 0.13 -2.54
N ASP A 57 9.43 1.05 -1.93
CA ASP A 57 9.15 2.47 -1.83
C ASP A 57 9.09 3.06 -3.23
N GLY A 58 8.26 4.09 -3.42
CA GLY A 58 8.33 4.98 -4.56
C GLY A 58 7.72 4.40 -5.82
N GLU A 59 7.67 5.23 -6.88
CA GLU A 59 7.05 4.87 -8.15
C GLU A 59 7.83 3.70 -8.74
N CYS A 60 7.11 2.72 -9.27
CA CYS A 60 7.67 1.38 -9.44
C CYS A 60 8.89 1.31 -10.34
N GLU A 1 17.05 -7.97 6.82
CA GLU A 1 15.87 -7.90 5.96
C GLU A 1 14.93 -9.03 6.38
N LYS A 2 13.71 -9.06 5.83
CA LYS A 2 12.78 -10.14 6.10
C LYS A 2 12.91 -11.13 4.94
N GLN A 3 12.54 -12.40 5.13
CA GLN A 3 12.62 -13.37 4.04
C GLN A 3 11.84 -12.85 2.85
N VAL A 4 10.55 -12.63 3.07
CA VAL A 4 9.69 -12.07 2.06
C VAL A 4 10.24 -10.68 1.76
N PHE A 5 10.37 -10.36 0.48
CA PHE A 5 11.01 -9.13 0.06
C PHE A 5 10.20 -7.94 0.57
N SER A 6 8.88 -7.99 0.38
CA SER A 6 8.00 -6.85 0.53
C SER A 6 7.84 -6.40 1.97
N ARG A 7 7.50 -5.12 2.17
CA ARG A 7 6.95 -4.64 3.43
C ARG A 7 5.48 -5.03 3.47
N MET A 8 4.98 -5.39 4.65
CA MET A 8 3.55 -5.55 4.86
C MET A 8 2.98 -4.15 4.99
N PRO A 9 1.99 -3.76 4.19
CA PRO A 9 1.40 -2.45 4.32
C PRO A 9 0.56 -2.45 5.58
N ILE A 10 0.59 -1.35 6.32
CA ILE A 10 -0.27 -1.15 7.47
C ILE A 10 -1.66 -0.89 6.91
N CYS A 11 -2.41 -1.97 6.71
CA CYS A 11 -3.74 -1.98 6.16
C CYS A 11 -4.58 -2.95 6.99
N GLU A 12 -5.72 -3.39 6.44
CA GLU A 12 -6.68 -4.24 7.14
C GLU A 12 -7.19 -3.49 8.39
N HIS A 13 -7.12 -2.16 8.33
CA HIS A 13 -7.66 -1.26 9.32
C HIS A 13 -9.06 -0.93 8.82
N MET A 14 -10.09 -1.43 9.49
CA MET A 14 -11.44 -0.99 9.21
C MET A 14 -11.53 0.50 9.59
N THR A 15 -12.59 1.17 9.16
CA THR A 15 -12.98 2.46 9.62
C THR A 15 -11.89 3.54 9.49
N GLU A 16 -11.20 3.58 8.35
CA GLU A 16 -10.22 4.61 8.07
C GLU A 16 -10.93 5.93 7.78
N SER A 17 -10.20 7.05 7.83
CA SER A 17 -10.69 8.34 7.40
C SER A 17 -10.15 8.60 5.99
N PRO A 18 -10.97 8.53 4.92
CA PRO A 18 -10.50 8.72 3.55
C PRO A 18 -9.86 10.10 3.31
N ASP A 19 -9.97 11.05 4.25
CA ASP A 19 -9.14 12.23 4.30
C ASP A 19 -7.70 11.77 4.60
N CYS A 20 -6.98 11.22 3.63
CA CYS A 20 -5.63 10.74 3.86
C CYS A 20 -4.69 11.91 3.66
N SER A 21 -4.85 12.92 4.52
CA SER A 21 -4.29 14.26 4.51
C SER A 21 -2.88 14.32 3.91
N ARG A 22 -2.81 14.56 2.60
CA ARG A 22 -1.59 14.75 1.83
C ARG A 22 -0.49 13.77 2.22
N ILE A 23 -0.84 12.50 2.41
CA ILE A 23 0.14 11.44 2.57
C ILE A 23 0.67 11.13 1.17
N TYR A 24 1.39 12.08 0.59
CA TYR A 24 1.97 11.94 -0.75
C TYR A 24 3.27 11.16 -0.61
N ASP A 25 3.14 9.84 -0.52
CA ASP A 25 4.28 8.97 -0.27
C ASP A 25 4.07 7.65 -1.00
N PRO A 26 4.18 7.65 -2.34
CA PRO A 26 3.80 6.52 -3.15
C PRO A 26 4.52 5.24 -2.77
N VAL A 27 3.88 4.09 -3.05
CA VAL A 27 4.43 2.78 -2.78
C VAL A 27 3.94 1.80 -3.86
N CYS A 28 4.79 0.86 -4.24
CA CYS A 28 4.58 -0.05 -5.37
C CYS A 28 3.90 -1.34 -4.92
N GLY A 29 2.79 -1.75 -5.53
CA GLY A 29 2.13 -3.00 -5.20
C GLY A 29 2.78 -4.19 -5.87
N THR A 30 2.67 -5.35 -5.21
CA THR A 30 3.17 -6.63 -5.70
C THR A 30 2.59 -7.02 -7.05
N ASP A 31 1.40 -6.53 -7.39
CA ASP A 31 0.81 -6.79 -8.70
C ASP A 31 1.24 -5.74 -9.74
N GLY A 32 2.16 -4.84 -9.39
CA GLY A 32 2.64 -3.79 -10.26
C GLY A 32 1.88 -2.48 -10.09
N VAL A 33 0.69 -2.48 -9.48
CA VAL A 33 -0.10 -1.28 -9.35
C VAL A 33 0.41 -0.53 -8.12
N THR A 34 1.08 0.59 -8.39
CA THR A 34 1.57 1.52 -7.42
C THR A 34 0.41 2.36 -6.89
N TYR A 35 0.59 2.96 -5.72
CA TYR A 35 -0.39 3.83 -5.08
C TYR A 35 0.30 5.10 -4.63
N GLU A 36 -0.49 6.14 -4.39
CA GLU A 36 0.00 7.42 -3.88
C GLU A 36 0.45 7.33 -2.41
N SER A 37 0.01 6.29 -1.70
CA SER A 37 0.60 5.84 -0.45
C SER A 37 -0.10 4.58 0.00
N GLU A 38 0.31 4.05 1.14
CA GLU A 38 -0.44 3.10 1.95
C GLU A 38 -1.93 3.33 1.82
N CYS A 39 -2.41 4.55 2.00
CA CYS A 39 -3.85 4.76 2.09
C CYS A 39 -4.57 4.25 0.85
N LYS A 40 -4.15 4.73 -0.31
CA LYS A 40 -4.64 4.28 -1.59
C LYS A 40 -4.34 2.79 -1.81
N LEU A 41 -3.25 2.26 -1.27
CA LEU A 41 -3.03 0.81 -1.33
C LEU A 41 -4.13 0.10 -0.57
N CYS A 42 -4.35 0.46 0.69
CA CYS A 42 -5.29 -0.17 1.61
C CYS A 42 -6.68 -0.10 1.03
N LEU A 43 -7.04 1.05 0.45
CA LEU A 43 -8.27 1.21 -0.29
C LEU A 43 -8.41 0.06 -1.29
N ALA A 44 -7.52 -0.01 -2.28
CA ALA A 44 -7.63 -1.06 -3.29
C ALA A 44 -7.57 -2.45 -2.66
N ARG A 45 -6.71 -2.65 -1.67
CA ARG A 45 -6.54 -3.91 -0.96
C ARG A 45 -7.89 -4.36 -0.41
N ILE A 46 -8.61 -3.46 0.26
CA ILE A 46 -9.91 -3.77 0.85
C ILE A 46 -10.91 -3.98 -0.27
N GLU A 47 -11.03 -3.05 -1.21
CA GLU A 47 -12.06 -3.13 -2.23
C GLU A 47 -11.89 -4.43 -3.04
N ASN A 48 -10.68 -4.68 -3.55
CA ASN A 48 -10.33 -5.87 -4.32
C ASN A 48 -10.31 -7.10 -3.43
N LYS A 49 -10.16 -6.94 -2.11
CA LYS A 49 -10.06 -8.03 -1.15
C LYS A 49 -8.85 -8.92 -1.48
N GLN A 50 -7.74 -8.28 -1.86
CA GLN A 50 -6.47 -8.93 -2.19
C GLN A 50 -5.49 -8.77 -1.02
N ASP A 51 -4.44 -9.60 -1.01
CA ASP A 51 -3.34 -9.53 -0.06
C ASP A 51 -2.18 -8.81 -0.75
N ILE A 52 -2.34 -7.51 -0.96
CA ILE A 52 -1.36 -6.71 -1.68
C ILE A 52 -0.20 -6.39 -0.72
N GLN A 53 1.02 -6.68 -1.15
CA GLN A 53 2.26 -6.36 -0.46
C GLN A 53 2.99 -5.21 -1.16
N ILE A 54 3.80 -4.47 -0.42
CA ILE A 54 4.57 -3.34 -0.95
C ILE A 54 5.94 -3.87 -1.37
N VAL A 55 6.25 -3.77 -2.66
CA VAL A 55 7.55 -4.21 -3.18
C VAL A 55 8.64 -3.21 -2.78
N LYS A 56 8.34 -1.91 -2.92
CA LYS A 56 9.33 -0.84 -2.90
C LYS A 56 8.61 0.49 -2.67
N ASP A 57 9.32 1.48 -2.14
CA ASP A 57 8.82 2.84 -2.02
C ASP A 57 8.79 3.44 -3.42
N GLY A 58 7.77 4.25 -3.68
CA GLY A 58 7.62 4.98 -4.91
C GLY A 58 7.24 4.03 -6.05
N GLU A 59 7.50 4.45 -7.28
CA GLU A 59 7.19 3.68 -8.46
C GLU A 59 7.85 2.30 -8.42
N CYS A 60 7.25 1.35 -9.12
CA CYS A 60 7.73 -0.01 -9.22
C CYS A 60 8.94 -0.12 -10.14
N GLU A 1 11.14 -18.29 0.06
CA GLU A 1 10.53 -17.28 0.93
C GLU A 1 9.40 -16.50 0.24
N LYS A 2 9.71 -15.82 -0.87
CA LYS A 2 8.91 -14.72 -1.40
C LYS A 2 8.94 -13.55 -0.41
N GLN A 3 8.35 -13.71 0.78
CA GLN A 3 8.05 -12.65 1.73
C GLN A 3 9.05 -11.49 1.76
N VAL A 4 10.35 -11.77 1.81
CA VAL A 4 11.40 -10.76 1.94
C VAL A 4 11.27 -9.68 0.86
N PHE A 5 10.91 -10.05 -0.37
CA PHE A 5 10.76 -9.09 -1.46
C PHE A 5 9.62 -8.12 -1.17
N SER A 6 8.61 -8.57 -0.43
CA SER A 6 7.38 -7.87 -0.14
C SER A 6 7.33 -7.40 1.32
N ARG A 7 6.34 -6.61 1.71
CA ARG A 7 6.20 -6.04 3.03
C ARG A 7 4.72 -5.92 3.31
N MET A 8 4.27 -6.28 4.51
CA MET A 8 2.95 -5.90 4.95
C MET A 8 2.89 -4.37 5.14
N PRO A 9 2.01 -3.63 4.44
CA PRO A 9 1.61 -2.32 4.90
C PRO A 9 0.73 -2.57 6.12
N ILE A 10 0.93 -1.78 7.19
CA ILE A 10 0.32 -2.01 8.48
C ILE A 10 -1.06 -1.37 8.47
N CYS A 11 -1.94 -1.92 7.62
CA CYS A 11 -3.21 -1.32 7.29
C CYS A 11 -4.13 -1.45 8.50
N GLU A 12 -4.13 -0.42 9.33
CA GLU A 12 -4.99 -0.25 10.49
C GLU A 12 -5.15 1.25 10.70
N HIS A 13 -6.24 1.64 11.34
CA HIS A 13 -6.56 2.96 11.87
C HIS A 13 -7.51 2.68 13.03
N MET A 14 -7.72 3.66 13.91
CA MET A 14 -8.61 3.49 15.05
C MET A 14 -9.93 4.19 14.78
N THR A 15 -9.89 5.37 14.17
CA THR A 15 -11.08 6.10 13.80
C THR A 15 -11.32 5.79 12.31
N GLU A 16 -12.57 5.50 11.92
CA GLU A 16 -12.92 5.08 10.57
C GLU A 16 -12.24 5.95 9.51
N SER A 17 -12.71 7.20 9.33
CA SER A 17 -12.21 8.15 8.33
C SER A 17 -11.58 7.48 7.11
N PRO A 18 -12.36 7.06 6.11
CA PRO A 18 -11.82 6.45 4.88
C PRO A 18 -11.25 7.57 4.00
N ASP A 19 -10.24 8.27 4.53
CA ASP A 19 -9.81 9.58 4.09
C ASP A 19 -8.33 9.51 3.77
N CYS A 20 -7.98 9.18 2.52
CA CYS A 20 -6.64 9.40 2.06
C CYS A 20 -6.41 10.90 2.05
N SER A 21 -5.46 11.37 2.86
CA SER A 21 -5.21 12.78 2.97
C SER A 21 -4.35 13.26 1.80
N ARG A 22 -3.91 14.51 1.88
CA ARG A 22 -3.20 15.24 0.83
C ARG A 22 -1.72 14.82 0.76
N ILE A 23 -1.44 13.57 1.10
CA ILE A 23 -0.11 13.00 1.19
C ILE A 23 0.22 12.38 -0.17
N TYR A 24 1.39 12.69 -0.72
CA TYR A 24 1.95 12.02 -1.89
C TYR A 24 3.19 11.28 -1.38
N ASP A 25 3.02 10.00 -1.07
CA ASP A 25 4.07 9.17 -0.49
C ASP A 25 3.99 7.80 -1.16
N PRO A 26 4.41 7.71 -2.43
CA PRO A 26 3.99 6.63 -3.31
C PRO A 26 4.69 5.33 -2.96
N VAL A 27 4.09 4.21 -3.37
CA VAL A 27 4.62 2.87 -3.13
C VAL A 27 4.22 1.97 -4.30
N CYS A 28 4.97 0.88 -4.51
CA CYS A 28 4.70 -0.10 -5.55
C CYS A 28 4.14 -1.38 -4.94
N GLY A 29 2.90 -1.73 -5.26
CA GLY A 29 2.25 -2.90 -4.69
C GLY A 29 2.74 -4.21 -5.33
N THR A 30 2.57 -5.34 -4.65
CA THR A 30 2.83 -6.66 -5.21
C THR A 30 1.84 -7.01 -6.32
N ASP A 31 0.73 -6.29 -6.40
CA ASP A 31 -0.17 -6.38 -7.53
C ASP A 31 0.47 -5.72 -8.75
N GLY A 32 1.45 -4.83 -8.54
CA GLY A 32 2.19 -4.15 -9.58
C GLY A 32 1.66 -2.75 -9.84
N VAL A 33 0.67 -2.28 -9.08
CA VAL A 33 0.15 -0.93 -9.23
C VAL A 33 1.02 0.01 -8.39
N THR A 34 1.37 1.16 -8.95
CA THR A 34 1.91 2.27 -8.18
C THR A 34 0.72 2.94 -7.50
N TYR A 35 0.82 3.18 -6.19
CA TYR A 35 -0.16 3.97 -5.45
C TYR A 35 0.51 5.30 -5.10
N GLU A 36 -0.25 6.39 -5.16
CA GLU A 36 0.25 7.72 -4.81
C GLU A 36 0.54 7.83 -3.30
N SER A 37 -0.16 7.03 -2.51
CA SER A 37 -0.03 6.99 -1.07
C SER A 37 -0.39 5.58 -0.64
N GLU A 38 0.29 5.05 0.38
CA GLU A 38 -0.05 3.76 0.96
C GLU A 38 -1.54 3.67 1.31
N CYS A 39 -2.16 4.80 1.64
CA CYS A 39 -3.58 4.82 1.92
C CYS A 39 -4.39 4.14 0.83
N LYS A 40 -4.25 4.59 -0.42
CA LYS A 40 -4.96 3.96 -1.51
C LYS A 40 -4.48 2.52 -1.75
N LEU A 41 -3.26 2.15 -1.40
CA LEU A 41 -2.88 0.74 -1.45
C LEU A 41 -3.76 -0.05 -0.48
N CYS A 42 -3.79 0.36 0.78
CA CYS A 42 -4.57 -0.27 1.83
C CYS A 42 -6.05 -0.32 1.41
N LEU A 43 -6.59 0.77 0.91
CA LEU A 43 -7.94 0.78 0.34
C LEU A 43 -8.06 -0.28 -0.75
N ALA A 44 -7.16 -0.24 -1.73
CA ALA A 44 -7.22 -1.10 -2.90
C ALA A 44 -7.25 -2.56 -2.50
N ARG A 45 -6.42 -2.99 -1.53
CA ARG A 45 -6.49 -4.38 -1.08
C ARG A 45 -7.88 -4.72 -0.54
N ILE A 46 -8.57 -3.78 0.11
CA ILE A 46 -9.90 -4.01 0.67
C ILE A 46 -10.95 -4.02 -0.45
N GLU A 47 -10.82 -3.16 -1.47
CA GLU A 47 -11.69 -3.26 -2.63
C GLU A 47 -11.47 -4.59 -3.38
N ASN A 48 -10.21 -4.97 -3.57
CA ASN A 48 -9.81 -6.15 -4.33
C ASN A 48 -10.18 -7.41 -3.55
N LYS A 49 -9.94 -7.36 -2.25
CA LYS A 49 -9.83 -8.52 -1.38
C LYS A 49 -8.72 -9.43 -1.91
N GLN A 50 -7.59 -8.82 -2.26
CA GLN A 50 -6.32 -9.50 -2.49
C GLN A 50 -5.30 -8.87 -1.55
N ASP A 51 -4.37 -9.67 -1.01
CA ASP A 51 -3.31 -9.17 -0.15
C ASP A 51 -2.33 -8.36 -1.00
N ILE A 52 -2.38 -7.03 -0.92
CA ILE A 52 -1.40 -6.20 -1.62
C ILE A 52 -0.34 -5.85 -0.57
N GLN A 53 0.89 -6.32 -0.78
CA GLN A 53 2.05 -5.94 -0.01
C GLN A 53 2.78 -4.84 -0.77
N ILE A 54 3.68 -4.13 -0.12
CA ILE A 54 4.57 -3.18 -0.76
C ILE A 54 5.81 -3.95 -1.20
N VAL A 55 6.15 -3.88 -2.48
CA VAL A 55 7.41 -4.37 -3.01
C VAL A 55 8.51 -3.41 -2.55
N LYS A 56 8.30 -2.12 -2.78
CA LYS A 56 9.26 -1.09 -2.44
C LYS A 56 8.52 0.24 -2.33
N ASP A 57 9.03 1.14 -1.49
CA ASP A 57 8.50 2.49 -1.37
C ASP A 57 8.95 3.25 -2.59
N GLY A 58 8.06 4.02 -3.19
CA GLY A 58 8.24 4.74 -4.44
C GLY A 58 7.56 4.04 -5.60
N GLU A 59 7.43 4.78 -6.70
CA GLU A 59 6.73 4.42 -7.90
C GLU A 59 7.40 3.21 -8.56
N CYS A 60 6.59 2.27 -9.07
CA CYS A 60 7.04 0.95 -9.51
C CYS A 60 8.22 1.06 -10.47
N GLU A 1 14.89 -5.18 -2.09
CA GLU A 1 13.78 -4.97 -1.16
C GLU A 1 13.86 -5.95 0.01
N LYS A 2 14.41 -5.49 1.14
CA LYS A 2 14.47 -6.15 2.44
C LYS A 2 15.24 -7.48 2.46
N GLN A 3 14.71 -8.50 1.80
CA GLN A 3 15.33 -9.80 1.59
C GLN A 3 14.60 -10.34 0.37
N VAL A 4 14.86 -9.70 -0.76
CA VAL A 4 14.19 -9.88 -2.04
C VAL A 4 12.70 -10.21 -1.87
N PHE A 5 11.98 -9.42 -1.08
CA PHE A 5 10.59 -9.69 -0.75
C PHE A 5 9.83 -8.44 -0.31
N SER A 6 8.51 -8.54 -0.39
CA SER A 6 7.52 -7.51 -0.11
C SER A 6 7.26 -7.40 1.39
N ARG A 7 6.25 -6.61 1.76
CA ARG A 7 5.96 -6.27 3.15
C ARG A 7 4.49 -5.88 3.29
N MET A 8 3.87 -6.27 4.40
CA MET A 8 2.47 -6.04 4.70
C MET A 8 2.29 -4.67 5.36
N PRO A 9 1.62 -3.70 4.70
CA PRO A 9 1.35 -2.42 5.32
C PRO A 9 0.36 -2.62 6.47
N ILE A 10 0.65 -1.98 7.60
CA ILE A 10 -0.34 -1.81 8.64
C ILE A 10 -1.32 -0.77 8.12
N CYS A 11 -2.60 -0.94 8.41
CA CYS A 11 -3.69 -0.06 8.06
C CYS A 11 -4.49 0.12 9.34
N GLU A 12 -5.54 0.94 9.34
CA GLU A 12 -6.36 1.17 10.52
C GLU A 12 -6.99 -0.13 11.05
N HIS A 13 -7.50 -0.10 12.28
CA HIS A 13 -8.21 -1.25 12.84
C HIS A 13 -9.30 -0.85 13.82
N MET A 14 -9.01 0.00 14.79
CA MET A 14 -9.99 0.42 15.79
C MET A 14 -10.29 1.90 15.59
N THR A 15 -9.22 2.69 15.58
CA THR A 15 -9.22 4.13 15.47
C THR A 15 -7.78 4.50 15.15
N GLU A 16 -7.52 5.00 13.93
CA GLU A 16 -6.19 5.19 13.40
C GLU A 16 -6.33 6.19 12.24
N SER A 17 -5.21 6.75 11.78
CA SER A 17 -5.17 7.57 10.59
C SER A 17 -3.92 7.19 9.77
N PRO A 18 -4.05 6.40 8.70
CA PRO A 18 -2.94 6.15 7.79
C PRO A 18 -2.60 7.45 7.04
N ASP A 19 -1.83 7.38 5.96
CA ASP A 19 -1.47 8.54 5.15
C ASP A 19 -2.62 9.13 4.32
N CYS A 20 -3.85 8.96 4.78
CA CYS A 20 -5.05 9.50 4.17
C CYS A 20 -5.15 10.97 4.54
N SER A 21 -4.22 11.76 4.02
CA SER A 21 -4.23 13.21 4.06
C SER A 21 -3.31 13.73 2.97
N ARG A 22 -3.51 13.17 1.76
CA ARG A 22 -2.86 13.58 0.53
C ARG A 22 -1.35 13.68 0.69
N ILE A 23 -0.72 12.68 1.30
CA ILE A 23 0.73 12.57 1.31
C ILE A 23 1.13 12.04 -0.06
N TYR A 24 2.08 12.66 -0.75
CA TYR A 24 2.61 12.10 -1.99
C TYR A 24 3.86 11.30 -1.63
N ASP A 25 3.67 10.04 -1.24
CA ASP A 25 4.75 9.15 -0.86
C ASP A 25 4.42 7.78 -1.47
N PRO A 26 4.70 7.62 -2.77
CA PRO A 26 4.15 6.52 -3.53
C PRO A 26 4.79 5.21 -3.08
N VAL A 27 4.19 4.10 -3.46
CA VAL A 27 4.69 2.76 -3.20
C VAL A 27 4.25 1.86 -4.36
N CYS A 28 5.05 0.87 -4.72
CA CYS A 28 4.70 -0.07 -5.77
C CYS A 28 4.24 -1.39 -5.17
N GLY A 29 2.99 -1.78 -5.40
CA GLY A 29 2.40 -2.98 -4.82
C GLY A 29 2.88 -4.25 -5.51
N THR A 30 2.57 -5.43 -4.94
CA THR A 30 2.80 -6.73 -5.56
C THR A 30 1.95 -6.93 -6.81
N ASP A 31 0.88 -6.14 -6.95
CA ASP A 31 0.08 -6.05 -8.17
C ASP A 31 0.87 -5.30 -9.24
N GLY A 32 1.91 -4.56 -8.87
CA GLY A 32 2.70 -3.76 -9.77
C GLY A 32 2.09 -2.38 -9.97
N VAL A 33 1.14 -1.97 -9.12
CA VAL A 33 0.52 -0.67 -9.21
C VAL A 33 1.34 0.29 -8.36
N THR A 34 1.74 1.42 -8.93
CA THR A 34 2.25 2.53 -8.13
C THR A 34 1.06 3.24 -7.49
N TYR A 35 0.85 3.04 -6.20
CA TYR A 35 -0.09 3.82 -5.41
C TYR A 35 0.56 5.17 -5.09
N GLU A 36 -0.27 6.21 -4.99
CA GLU A 36 0.13 7.55 -4.59
C GLU A 36 0.62 7.58 -3.14
N SER A 37 -0.02 6.78 -2.28
CA SER A 37 0.36 6.58 -0.90
C SER A 37 -0.41 5.37 -0.38
N GLU A 38 -0.07 4.87 0.81
CA GLU A 38 -0.63 3.61 1.28
C GLU A 38 -2.11 3.75 1.60
N CYS A 39 -2.66 4.94 1.80
CA CYS A 39 -4.08 5.17 2.05
C CYS A 39 -4.96 4.44 1.03
N LYS A 40 -4.72 4.72 -0.25
CA LYS A 40 -5.48 4.12 -1.34
C LYS A 40 -5.06 2.65 -1.52
N LEU A 41 -3.86 2.27 -1.07
CA LEU A 41 -3.43 0.88 -1.11
C LEU A 41 -4.26 0.09 -0.09
N CYS A 42 -4.46 0.64 1.11
CA CYS A 42 -5.26 0.04 2.18
C CYS A 42 -6.66 -0.20 1.63
N LEU A 43 -7.27 0.85 1.06
CA LEU A 43 -8.50 0.74 0.32
C LEU A 43 -8.43 -0.41 -0.69
N ALA A 44 -7.42 -0.41 -1.55
CA ALA A 44 -7.26 -1.39 -2.61
C ALA A 44 -7.19 -2.81 -2.07
N ARG A 45 -6.55 -3.05 -0.93
CA ARG A 45 -6.50 -4.37 -0.32
C ARG A 45 -7.92 -4.89 -0.13
N ILE A 46 -8.82 -4.06 0.38
CA ILE A 46 -10.19 -4.47 0.61
C ILE A 46 -10.89 -4.62 -0.75
N GLU A 47 -10.74 -3.63 -1.63
CA GLU A 47 -11.38 -3.57 -2.94
C GLU A 47 -11.10 -4.86 -3.73
N ASN A 48 -9.83 -5.19 -3.84
CA ASN A 48 -9.32 -6.36 -4.56
C ASN A 48 -9.51 -7.63 -3.75
N LYS A 49 -10.01 -7.52 -2.51
CA LYS A 49 -9.98 -8.58 -1.50
C LYS A 49 -8.67 -9.34 -1.53
N GLN A 50 -7.54 -8.63 -1.42
CA GLN A 50 -6.22 -9.24 -1.41
C GLN A 50 -5.30 -8.59 -0.40
N ASP A 51 -4.31 -9.36 0.07
CA ASP A 51 -3.11 -8.83 0.68
C ASP A 51 -2.25 -8.28 -0.44
N ILE A 52 -2.36 -6.98 -0.73
CA ILE A 52 -1.43 -6.28 -1.61
C ILE A 52 -0.29 -5.86 -0.71
N GLN A 53 0.90 -6.44 -0.88
CA GLN A 53 2.08 -6.00 -0.16
C GLN A 53 2.80 -4.96 -1.00
N ILE A 54 3.63 -4.15 -0.34
CA ILE A 54 4.46 -3.19 -1.02
C ILE A 54 5.73 -3.93 -1.44
N VAL A 55 6.02 -3.98 -2.74
CA VAL A 55 7.26 -4.54 -3.24
C VAL A 55 8.37 -3.56 -2.88
N LYS A 56 8.17 -2.26 -3.11
CA LYS A 56 9.15 -1.28 -2.72
C LYS A 56 8.51 0.09 -2.57
N ASP A 57 9.21 0.96 -1.83
CA ASP A 57 8.84 2.35 -1.66
C ASP A 57 8.96 3.03 -3.00
N GLY A 58 8.05 3.95 -3.29
CA GLY A 58 8.11 4.81 -4.45
C GLY A 58 7.76 4.09 -5.75
N GLU A 59 7.87 4.82 -6.86
CA GLU A 59 7.22 4.48 -8.11
C GLU A 59 7.92 3.31 -8.81
N CYS A 60 7.13 2.41 -9.38
CA CYS A 60 7.63 1.31 -10.19
C CYS A 60 8.13 1.87 -11.51
N GLU A 1 17.92 -5.61 -4.47
CA GLU A 1 18.71 -5.88 -3.26
C GLU A 1 18.21 -5.14 -2.03
N LYS A 2 16.96 -4.63 -2.02
CA LYS A 2 16.41 -4.12 -0.78
C LYS A 2 16.14 -5.29 0.16
N GLN A 3 15.87 -5.00 1.43
CA GLN A 3 15.58 -5.99 2.45
C GLN A 3 14.41 -6.87 2.04
N VAL A 4 14.68 -8.12 1.65
CA VAL A 4 13.71 -9.12 1.24
C VAL A 4 12.88 -8.63 0.04
N PHE A 5 11.85 -9.35 -0.43
CA PHE A 5 11.07 -8.84 -1.56
C PHE A 5 10.13 -7.74 -1.07
N SER A 6 9.01 -8.13 -0.45
CA SER A 6 7.90 -7.25 -0.11
C SER A 6 7.78 -6.99 1.40
N ARG A 7 7.03 -5.94 1.77
CA ARG A 7 6.70 -5.56 3.13
C ARG A 7 5.18 -5.39 3.25
N MET A 8 4.60 -5.98 4.30
CA MET A 8 3.20 -5.78 4.62
C MET A 8 2.99 -4.34 5.10
N PRO A 9 1.95 -3.65 4.60
CA PRO A 9 1.46 -2.45 5.23
C PRO A 9 0.49 -2.85 6.34
N ILE A 10 0.58 -2.16 7.48
CA ILE A 10 -0.15 -2.47 8.70
C ILE A 10 -1.45 -1.70 8.65
N CYS A 11 -2.52 -2.35 8.19
CA CYS A 11 -3.70 -1.68 7.67
C CYS A 11 -4.98 -2.44 7.98
N GLU A 12 -5.63 -2.10 9.09
CA GLU A 12 -6.94 -2.58 9.46
C GLU A 12 -7.87 -1.42 9.78
N HIS A 13 -7.99 -0.44 8.88
CA HIS A 13 -8.94 0.67 9.03
C HIS A 13 -10.04 0.49 7.99
N MET A 14 -11.29 0.71 8.38
CA MET A 14 -12.43 0.61 7.48
C MET A 14 -12.21 1.52 6.27
N THR A 15 -12.84 1.21 5.14
CA THR A 15 -12.77 2.01 3.92
C THR A 15 -13.51 3.37 4.03
N GLU A 16 -13.99 3.75 5.21
CA GLU A 16 -14.62 5.05 5.42
C GLU A 16 -13.61 6.17 5.19
N SER A 17 -12.35 5.93 5.58
CA SER A 17 -11.28 6.89 5.37
C SER A 17 -11.10 7.11 3.87
N PRO A 18 -11.08 8.35 3.37
CA PRO A 18 -10.64 8.64 2.01
C PRO A 18 -9.13 8.40 1.93
N ASP A 19 -8.47 8.91 0.88
CA ASP A 19 -7.01 8.94 0.89
C ASP A 19 -6.62 9.91 2.01
N CYS A 20 -5.60 9.53 2.76
CA CYS A 20 -5.32 10.01 4.10
C CYS A 20 -4.70 11.41 4.05
N SER A 21 -5.49 12.42 3.71
CA SER A 21 -5.05 13.74 3.27
C SER A 21 -4.41 13.60 1.89
N ARG A 22 -3.80 14.68 1.40
CA ARG A 22 -3.26 14.79 0.06
C ARG A 22 -1.82 14.26 0.04
N ILE A 23 -1.61 13.17 0.76
CA ILE A 23 -0.30 12.58 0.94
C ILE A 23 0.07 11.79 -0.31
N TYR A 24 0.55 12.51 -1.32
CA TYR A 24 1.21 11.92 -2.47
C TYR A 24 2.56 11.40 -1.96
N ASP A 25 2.57 10.16 -1.47
CA ASP A 25 3.71 9.46 -0.92
C ASP A 25 3.65 8.01 -1.42
N PRO A 26 3.96 7.77 -2.68
CA PRO A 26 3.56 6.56 -3.38
C PRO A 26 4.30 5.30 -2.93
N VAL A 27 3.74 4.14 -3.26
CA VAL A 27 4.30 2.83 -2.96
C VAL A 27 3.91 1.87 -4.10
N CYS A 28 4.72 0.83 -4.34
CA CYS A 28 4.53 -0.12 -5.43
C CYS A 28 3.87 -1.42 -4.95
N GLY A 29 2.70 -1.78 -5.49
CA GLY A 29 2.02 -3.03 -5.18
C GLY A 29 2.71 -4.25 -5.79
N THR A 30 2.56 -5.43 -5.18
CA THR A 30 3.12 -6.68 -5.70
C THR A 30 2.60 -7.05 -7.07
N ASP A 31 1.41 -6.58 -7.43
CA ASP A 31 0.89 -6.77 -8.77
C ASP A 31 1.66 -5.89 -9.75
N GLY A 32 2.32 -4.85 -9.25
CA GLY A 32 3.02 -3.85 -10.04
C GLY A 32 2.10 -2.69 -10.36
N VAL A 33 1.08 -2.43 -9.56
CA VAL A 33 0.33 -1.20 -9.59
C VAL A 33 0.92 -0.30 -8.50
N THR A 34 1.54 0.81 -8.89
CA THR A 34 1.97 1.83 -7.96
C THR A 34 0.74 2.65 -7.56
N TYR A 35 0.66 3.03 -6.29
CA TYR A 35 -0.41 3.85 -5.74
C TYR A 35 0.19 5.13 -5.18
N GLU A 36 -0.57 6.22 -5.21
CA GLU A 36 -0.17 7.53 -4.72
C GLU A 36 0.19 7.54 -3.23
N SER A 37 -0.40 6.64 -2.44
CA SER A 37 -0.42 6.73 -1.00
C SER A 37 -0.56 5.30 -0.49
N GLU A 38 0.17 4.92 0.57
CA GLU A 38 0.06 3.64 1.21
C GLU A 38 -1.39 3.46 1.66
N CYS A 39 -1.98 4.52 2.21
CA CYS A 39 -3.39 4.57 2.59
C CYS A 39 -4.28 4.06 1.47
N LYS A 40 -4.05 4.54 0.23
CA LYS A 40 -4.81 4.08 -0.94
C LYS A 40 -4.47 2.66 -1.35
N LEU A 41 -3.19 2.27 -1.33
CA LEU A 41 -2.86 0.87 -1.61
C LEU A 41 -3.68 -0.02 -0.68
N CYS A 42 -3.72 0.35 0.59
CA CYS A 42 -4.43 -0.40 1.61
C CYS A 42 -5.93 -0.37 1.39
N LEU A 43 -6.48 0.79 1.10
CA LEU A 43 -7.86 0.92 0.64
C LEU A 43 -8.10 -0.10 -0.48
N ALA A 44 -7.22 -0.14 -1.48
CA ALA A 44 -7.31 -1.08 -2.57
C ALA A 44 -7.21 -2.52 -2.09
N ARG A 45 -6.35 -2.85 -1.10
CA ARG A 45 -6.33 -4.20 -0.53
C ARG A 45 -7.75 -4.59 -0.09
N ILE A 46 -8.43 -3.68 0.61
CA ILE A 46 -9.75 -3.91 1.13
C ILE A 46 -10.74 -4.03 -0.02
N GLU A 47 -10.89 -2.98 -0.83
CA GLU A 47 -11.84 -2.94 -1.92
C GLU A 47 -11.66 -4.10 -2.88
N ASN A 48 -10.42 -4.41 -3.23
CA ASN A 48 -10.14 -5.49 -4.15
C ASN A 48 -10.33 -6.85 -3.47
N LYS A 49 -10.38 -6.90 -2.14
CA LYS A 49 -10.31 -8.14 -1.39
C LYS A 49 -9.06 -8.90 -1.85
N GLN A 50 -7.91 -8.23 -1.87
CA GLN A 50 -6.64 -8.80 -2.29
C GLN A 50 -5.56 -8.39 -1.29
N ASP A 51 -4.71 -9.33 -0.88
CA ASP A 51 -3.57 -8.98 -0.06
C ASP A 51 -2.48 -8.49 -1.02
N ILE A 52 -2.55 -7.22 -1.43
CA ILE A 52 -1.55 -6.62 -2.32
C ILE A 52 -0.43 -6.12 -1.41
N GLN A 53 0.74 -6.75 -1.43
CA GLN A 53 1.83 -6.37 -0.56
C GLN A 53 2.55 -5.19 -1.22
N ILE A 54 3.31 -4.42 -0.45
CA ILE A 54 4.16 -3.40 -1.02
C ILE A 54 5.46 -4.09 -1.39
N VAL A 55 5.92 -3.95 -2.63
CA VAL A 55 7.24 -4.40 -3.01
C VAL A 55 8.24 -3.44 -2.38
N LYS A 56 8.01 -2.15 -2.60
CA LYS A 56 8.92 -1.09 -2.20
C LYS A 56 8.16 0.22 -2.20
N ASP A 57 8.78 1.24 -1.63
CA ASP A 57 8.17 2.54 -1.46
C ASP A 57 8.62 3.40 -2.63
N GLY A 58 7.74 4.25 -3.14
CA GLY A 58 7.93 4.99 -4.38
C GLY A 58 7.70 4.13 -5.62
N GLU A 59 7.77 4.77 -6.80
CA GLU A 59 7.59 4.12 -8.09
C GLU A 59 8.51 2.90 -8.18
N CYS A 60 8.03 1.78 -8.73
CA CYS A 60 8.75 0.51 -8.64
C CYS A 60 10.11 0.59 -9.33
#